data_1HO5
#
_entry.id   1HO5
#
_cell.length_a   69.900
_cell.length_b   75.700
_cell.length_c   221.700
_cell.angle_alpha   90.00
_cell.angle_beta   90.00
_cell.angle_gamma   90.00
#
_symmetry.space_group_name_H-M   'P 21 21 21'
#
loop_
_entity.id
_entity.type
_entity.pdbx_description
1 polymer "5'-NUCLEOTIDASE"
2 non-polymer 'MANGANESE (II) ION'
3 non-polymer 'PHOSPHATE ION'
4 non-polymer ADENOSINE
5 water water
#
_entity_poly.entity_id   1
_entity_poly.type   'polypeptide(L)'
_entity_poly.pdbx_seq_one_letter_code
;YEQDKTYKITVLHTNDHHGHFWRNEYGEYGLAAQKTLVDGIRKEVAAEGGSVLLLSGGDINTGVPESDLQDAEPDFRGMN
LVGYDAMAIGNHEFDNPLTVLRQQEKWAKFPLLSANIYQKSTGERLFKPWALFKRQDLKIAVIGLTTDDTAKIGNPEYFT
DIEFRKPADEAKLVIQELQQTEKPDIIIAATHMGHYDNGEHGSNAPGDVEMARALPAGSLAMIVGGHSQDPVCMAAENKK
QVDYVPGTPCKPDQQNGIWIVQAHEWGKYVGRADFEFRNGEMKMVNYQLIPVNLKKKVTWEDGKSERVLYTPEIAENQQM
ISLLSPFQNKGKAQLEVKIGETNGRLEGDRDKVRFVQTNMGRLILAAQMDRTGADFAVMSGGGIRDSIEAGDISYKNVLK
VQPFGNVVVYADMTGKEVIDYLTAVAQMKPDSGAYPQFANVSFVAKDGKLNDLKIKGEPVDPAKTYRMATLNFNATGGDG
YPRLDNKPGYVNTGFIDAEVLKAYIQKSSPLDVSVYEPKGEVSWQ
;
_entity_poly.pdbx_strand_id   A,B
#
# COMPACT_ATOMS: atom_id res chain seq x y z
N TYR A 1 45.50 44.60 -16.48
CA TYR A 1 44.59 45.78 -16.42
C TYR A 1 45.37 47.03 -16.72
N GLU A 2 44.68 48.16 -16.75
CA GLU A 2 45.32 49.43 -17.03
C GLU A 2 45.76 50.07 -15.72
N GLN A 3 47.02 50.47 -15.65
CA GLN A 3 47.56 51.07 -14.43
C GLN A 3 46.85 52.37 -14.13
N ASP A 4 46.47 52.50 -12.85
CA ASP A 4 45.77 53.65 -12.31
C ASP A 4 44.32 53.80 -12.77
N LYS A 5 43.80 52.84 -13.51
CA LYS A 5 42.43 52.95 -13.97
C LYS A 5 41.51 52.34 -12.93
N THR A 6 40.40 53.02 -12.67
CA THR A 6 39.44 52.53 -11.71
C THR A 6 38.33 51.78 -12.46
N TYR A 7 38.04 50.54 -12.05
CA TYR A 7 36.98 49.76 -12.69
C TYR A 7 35.83 49.61 -11.71
N LYS A 8 34.61 49.70 -12.21
CA LYS A 8 33.44 49.54 -11.36
C LYS A 8 32.73 48.23 -11.62
N ILE A 9 32.55 47.46 -10.56
CA ILE A 9 31.85 46.19 -10.67
C ILE A 9 30.72 46.06 -9.66
N THR A 10 29.51 45.80 -10.15
CA THR A 10 28.40 45.60 -9.24
C THR A 10 27.95 44.16 -9.29
N VAL A 11 27.98 43.53 -8.13
CA VAL A 11 27.54 42.15 -7.98
C VAL A 11 26.18 42.14 -7.30
N LEU A 12 25.18 41.59 -8.00
CA LEU A 12 23.81 41.46 -7.47
C LEU A 12 23.60 39.99 -7.13
N HIS A 13 22.77 39.69 -6.10
CA HIS A 13 22.59 38.30 -5.75
C HIS A 13 21.28 38.00 -5.01
N THR A 14 20.82 36.76 -5.14
CA THR A 14 19.62 36.29 -4.50
C THR A 14 19.99 34.81 -4.25
N ASN A 15 19.20 34.12 -3.45
CA ASN A 15 19.47 32.69 -3.16
C ASN A 15 18.21 32.17 -2.53
N ASP A 16 18.11 30.84 -2.50
CA ASP A 16 16.97 30.14 -1.91
C ASP A 16 15.65 30.69 -2.40
N HIS A 17 15.56 30.70 -3.72
CA HIS A 17 14.36 31.21 -4.37
C HIS A 17 13.12 30.36 -4.00
N HIS A 18 13.31 29.05 -4.03
CA HIS A 18 12.30 28.07 -3.67
C HIS A 18 10.91 28.27 -4.34
N GLY A 19 10.92 28.31 -5.66
CA GLY A 19 9.70 28.43 -6.43
C GLY A 19 8.88 29.69 -6.28
N HIS A 20 9.44 30.76 -5.74
CA HIS A 20 8.65 31.97 -5.59
C HIS A 20 8.70 32.92 -6.81
N PHE A 21 8.38 32.37 -7.98
CA PHE A 21 8.42 33.18 -9.19
C PHE A 21 7.33 34.27 -9.18
N TRP A 22 6.24 34.02 -8.45
CA TRP A 22 5.11 34.96 -8.33
C TRP A 22 5.11 35.74 -7.03
N ARG A 23 4.55 36.96 -7.06
CA ARG A 23 4.45 37.77 -5.86
C ARG A 23 3.57 37.01 -4.86
N ASN A 24 3.67 37.31 -3.58
CA ASN A 24 2.85 36.61 -2.63
C ASN A 24 1.48 37.30 -2.47
N GLU A 25 0.63 36.74 -1.60
CA GLU A 25 -0.70 37.29 -1.44
C GLU A 25 -0.73 38.76 -1.06
N TYR A 26 0.36 39.24 -0.47
CA TYR A 26 0.43 40.62 -0.07
C TYR A 26 1.19 41.50 -1.04
N GLY A 27 1.34 41.05 -2.30
CA GLY A 27 2.03 41.85 -3.30
C GLY A 27 3.55 41.90 -3.17
N GLU A 28 4.12 41.05 -2.32
CA GLU A 28 5.56 40.99 -2.08
C GLU A 28 6.35 40.12 -3.04
N TYR A 29 7.60 40.55 -3.27
CA TYR A 29 8.57 39.91 -4.13
C TYR A 29 8.04 39.42 -5.48
N GLY A 30 8.52 38.28 -5.97
CA GLY A 30 8.12 37.82 -7.28
C GLY A 30 9.23 38.21 -8.25
N LEU A 31 9.34 37.50 -9.37
CA LEU A 31 10.36 37.76 -10.36
C LEU A 31 10.07 38.94 -11.29
N ALA A 32 8.76 39.23 -11.50
CA ALA A 32 8.33 40.36 -12.32
C ALA A 32 8.82 41.64 -11.61
N ALA A 33 8.69 41.72 -10.31
CA ALA A 33 9.20 42.90 -9.59
C ALA A 33 10.74 42.86 -9.59
N GLN A 34 11.29 41.64 -9.49
CA GLN A 34 12.75 41.52 -9.45
C GLN A 34 13.31 42.02 -10.79
N LYS A 35 12.61 41.66 -11.87
CA LYS A 35 13.02 42.07 -13.21
C LYS A 35 13.18 43.58 -13.28
N THR A 36 12.18 44.29 -12.81
CA THR A 36 12.22 45.75 -12.84
C THR A 36 13.36 46.35 -12.05
N LEU A 37 13.54 45.87 -10.82
CA LEU A 37 14.59 46.36 -9.95
C LEU A 37 15.96 46.17 -10.62
N VAL A 38 16.21 44.97 -11.14
CA VAL A 38 17.50 44.67 -11.76
C VAL A 38 17.74 45.42 -13.08
N ASP A 39 16.71 45.53 -13.92
CA ASP A 39 16.86 46.30 -15.17
C ASP A 39 17.30 47.72 -14.73
N GLY A 40 16.64 48.22 -13.70
CA GLY A 40 16.94 49.56 -13.24
C GLY A 40 18.36 49.69 -12.74
N ILE A 41 18.87 48.66 -12.07
CA ILE A 41 20.21 48.76 -11.54
C ILE A 41 21.17 48.66 -12.71
N ARG A 42 20.88 47.79 -13.66
CA ARG A 42 21.72 47.70 -14.85
C ARG A 42 21.91 49.04 -15.55
N LYS A 43 20.84 49.83 -15.63
CA LYS A 43 20.91 51.15 -16.29
C LYS A 43 21.79 52.13 -15.49
N GLU A 44 21.60 52.19 -14.18
CA GLU A 44 22.43 53.08 -13.37
C GLU A 44 23.90 52.63 -13.47
N VAL A 45 24.15 51.33 -13.38
CA VAL A 45 25.51 50.84 -13.42
C VAL A 45 26.18 51.11 -14.73
N ALA A 46 25.45 50.90 -15.81
CA ALA A 46 26.01 51.14 -17.12
C ALA A 46 26.29 52.62 -17.34
N ALA A 47 25.43 53.50 -16.84
CA ALA A 47 25.64 54.93 -17.05
C ALA A 47 26.91 55.40 -16.38
N GLU A 48 27.36 54.68 -15.37
CA GLU A 48 28.58 55.04 -14.63
C GLU A 48 29.77 54.29 -15.20
N GLY A 49 29.54 53.45 -16.19
CA GLY A 49 30.66 52.72 -16.77
C GLY A 49 30.99 51.41 -16.08
N GLY A 50 30.14 50.92 -15.18
CA GLY A 50 30.50 49.67 -14.55
C GLY A 50 29.80 48.49 -15.18
N SER A 51 30.07 47.31 -14.67
CA SER A 51 29.40 46.14 -15.18
C SER A 51 28.74 45.42 -14.04
N VAL A 52 27.68 44.70 -14.42
CA VAL A 52 26.88 43.97 -13.48
C VAL A 52 27.07 42.50 -13.59
N LEU A 53 27.20 41.85 -12.44
CA LEU A 53 27.26 40.41 -12.41
C LEU A 53 26.10 39.97 -11.50
N LEU A 54 25.16 39.17 -12.00
CA LEU A 54 24.00 38.74 -11.17
C LEU A 54 24.10 37.25 -10.84
N LEU A 55 24.21 36.96 -9.56
CA LEU A 55 24.43 35.58 -9.14
C LEU A 55 23.44 35.00 -8.15
N SER A 56 23.18 33.70 -8.30
CA SER A 56 22.26 32.98 -7.44
C SER A 56 22.99 31.98 -6.53
N GLY A 57 22.58 31.93 -5.27
CA GLY A 57 23.16 31.01 -4.31
C GLY A 57 22.45 29.64 -4.31
N GLY A 58 21.50 29.46 -5.24
CA GLY A 58 20.80 28.20 -5.42
C GLY A 58 19.54 27.89 -4.62
N ASP A 59 19.11 26.64 -4.67
CA ASP A 59 17.88 26.22 -3.97
C ASP A 59 16.68 26.93 -4.65
N ILE A 60 16.60 26.78 -5.97
CA ILE A 60 15.54 27.36 -6.76
C ILE A 60 14.26 26.49 -6.59
N ASN A 61 14.50 25.17 -6.61
CA ASN A 61 13.48 24.12 -6.47
C ASN A 61 12.78 23.99 -5.12
N THR A 62 11.50 23.60 -5.20
CA THR A 62 10.63 23.30 -4.06
C THR A 62 10.19 24.39 -3.12
N GLY A 63 8.88 24.53 -2.92
CA GLY A 63 8.39 25.55 -2.01
C GLY A 63 7.10 26.28 -2.36
N VAL A 64 6.64 26.17 -3.61
CA VAL A 64 5.39 26.79 -4.02
C VAL A 64 4.82 25.77 -4.99
N PRO A 65 3.61 25.26 -4.70
CA PRO A 65 2.95 24.27 -5.55
C PRO A 65 2.99 24.50 -7.04
N GLU A 66 2.57 25.66 -7.51
CA GLU A 66 2.58 25.90 -8.94
C GLU A 66 3.98 25.73 -9.53
N SER A 67 5.01 25.99 -8.71
CA SER A 67 6.37 25.87 -9.20
C SER A 67 6.77 24.42 -9.13
N ASP A 68 6.52 23.83 -7.96
CA ASP A 68 6.85 22.43 -7.72
C ASP A 68 6.20 21.50 -8.76
N LEU A 69 4.92 21.71 -8.98
CA LEU A 69 4.18 20.87 -9.93
C LEU A 69 4.76 20.95 -11.31
N GLN A 70 5.59 21.96 -11.56
CA GLN A 70 6.13 22.12 -12.90
C GLN A 70 7.65 22.11 -12.93
N ASP A 71 8.26 21.54 -11.89
CA ASP A 71 9.70 21.44 -11.88
C ASP A 71 10.40 22.80 -12.03
N ALA A 72 9.84 23.84 -11.39
CA ALA A 72 10.42 25.18 -11.40
C ALA A 72 10.72 25.72 -12.79
N GLU A 73 10.00 25.27 -13.81
CA GLU A 73 10.25 25.82 -15.12
C GLU A 73 9.98 27.33 -15.09
N PRO A 74 8.83 27.74 -14.55
CA PRO A 74 8.60 29.18 -14.52
C PRO A 74 9.75 29.91 -13.83
N ASP A 75 10.31 29.29 -12.80
CA ASP A 75 11.38 29.96 -12.09
C ASP A 75 12.64 30.12 -12.89
N PHE A 76 13.06 29.06 -13.54
CA PHE A 76 14.30 29.13 -14.33
C PHE A 76 14.16 30.05 -15.54
N ARG A 77 12.96 30.08 -16.12
CA ARG A 77 12.76 30.95 -17.29
C ARG A 77 12.71 32.37 -16.82
N GLY A 78 12.09 32.59 -15.68
CA GLY A 78 12.05 33.96 -15.18
C GLY A 78 13.48 34.43 -14.94
N MET A 79 14.31 33.54 -14.39
CA MET A 79 15.71 33.88 -14.13
C MET A 79 16.46 34.27 -15.42
N ASN A 80 16.13 33.65 -16.54
CA ASN A 80 16.71 34.01 -17.85
C ASN A 80 16.32 35.45 -18.19
N LEU A 81 15.06 35.78 -17.98
CA LEU A 81 14.57 37.13 -18.24
C LEU A 81 15.18 38.16 -17.27
N VAL A 82 15.32 37.79 -15.98
CA VAL A 82 15.94 38.72 -15.06
C VAL A 82 17.34 38.87 -15.60
N GLY A 83 17.94 37.78 -16.06
CA GLY A 83 19.28 37.90 -16.60
C GLY A 83 20.42 37.46 -15.67
N TYR A 84 20.24 36.34 -14.96
CA TYR A 84 21.25 35.77 -14.06
C TYR A 84 22.47 35.34 -14.87
N ASP A 85 23.65 35.59 -14.31
CA ASP A 85 24.87 35.23 -15.01
C ASP A 85 25.36 33.85 -14.62
N ALA A 86 25.04 33.39 -13.42
CA ALA A 86 25.50 32.06 -12.98
C ALA A 86 24.77 31.69 -11.69
N MET A 87 24.75 30.43 -11.38
CA MET A 87 24.10 29.99 -10.14
C MET A 87 24.87 28.85 -9.49
N ALA A 88 24.89 28.83 -8.15
CA ALA A 88 25.51 27.72 -7.43
C ALA A 88 24.42 26.66 -7.28
N ILE A 89 24.73 25.42 -7.64
CA ILE A 89 23.77 24.34 -7.48
C ILE A 89 23.48 24.20 -5.99
N GLY A 90 22.21 24.16 -5.62
CA GLY A 90 21.85 23.99 -4.22
C GLY A 90 21.34 22.57 -3.92
N ASN A 91 21.27 22.21 -2.64
CA ASN A 91 20.84 20.83 -2.34
C ASN A 91 19.43 20.52 -2.84
N HIS A 92 18.51 21.48 -2.75
CA HIS A 92 17.17 21.18 -3.25
C HIS A 92 17.11 20.99 -4.76
N GLU A 93 18.21 21.23 -5.48
CA GLU A 93 18.22 20.97 -6.93
C GLU A 93 18.28 19.44 -7.09
N PHE A 94 18.31 18.73 -5.96
CA PHE A 94 18.36 17.26 -6.00
C PHE A 94 17.12 16.66 -5.40
N ASP A 95 16.07 17.48 -5.34
CA ASP A 95 14.76 17.06 -4.82
C ASP A 95 14.05 16.20 -5.86
N ASN A 96 14.45 16.36 -7.11
CA ASN A 96 13.86 15.62 -8.22
C ASN A 96 14.95 14.76 -8.80
N PRO A 97 14.58 13.82 -9.68
CA PRO A 97 15.56 12.93 -10.30
C PRO A 97 16.52 13.83 -11.05
N LEU A 98 17.70 13.33 -11.34
CA LEU A 98 18.75 14.08 -12.02
C LEU A 98 18.37 14.61 -13.39
N THR A 99 17.54 13.85 -14.11
CA THR A 99 17.07 14.26 -15.44
C THR A 99 16.32 15.58 -15.30
N VAL A 100 15.61 15.77 -14.19
CA VAL A 100 14.92 17.03 -13.99
C VAL A 100 15.95 18.19 -13.91
N LEU A 101 17.02 17.96 -13.17
CA LEU A 101 18.05 19.00 -13.01
C LEU A 101 18.70 19.25 -14.35
N ARG A 102 18.90 18.20 -15.13
CA ARG A 102 19.50 18.34 -16.47
C ARG A 102 18.55 19.16 -17.40
N GLN A 103 17.24 18.98 -17.23
CA GLN A 103 16.26 19.75 -18.03
C GLN A 103 16.30 21.23 -17.58
N GLN A 104 16.49 21.44 -16.27
CA GLN A 104 16.56 22.79 -15.77
C GLN A 104 17.81 23.48 -16.34
N GLU A 105 18.91 22.74 -16.50
CA GLU A 105 20.11 23.31 -17.07
C GLU A 105 19.86 23.66 -18.53
N LYS A 106 19.01 22.86 -19.19
CA LYS A 106 18.71 23.17 -20.59
C LYS A 106 17.86 24.43 -20.56
N TRP A 107 16.94 24.57 -19.60
CA TRP A 107 16.14 25.79 -19.57
C TRP A 107 17.02 27.03 -19.26
N ALA A 108 17.89 26.91 -18.24
CA ALA A 108 18.74 28.04 -17.84
C ALA A 108 19.75 28.52 -18.87
N LYS A 109 19.69 29.80 -19.19
CA LYS A 109 20.64 30.35 -20.13
C LYS A 109 21.91 30.77 -19.42
N PHE A 110 21.99 30.49 -18.13
CA PHE A 110 23.18 30.81 -17.36
C PHE A 110 23.64 29.46 -16.81
N PRO A 111 24.94 29.31 -16.55
CA PRO A 111 25.40 28.01 -16.03
C PRO A 111 24.99 27.73 -14.58
N LEU A 112 24.72 26.44 -14.30
CA LEU A 112 24.38 25.97 -12.96
C LEU A 112 25.73 25.40 -12.53
N LEU A 113 26.34 25.99 -11.53
CA LEU A 113 27.67 25.58 -11.18
C LEU A 113 27.84 24.82 -9.89
N SER A 114 28.85 23.96 -9.90
CA SER A 114 29.27 23.21 -8.72
C SER A 114 30.56 22.44 -9.00
N ALA A 115 31.60 22.81 -8.27
CA ALA A 115 32.89 22.19 -8.46
C ALA A 115 33.09 20.93 -7.67
N ASN A 116 32.32 20.73 -6.60
CA ASN A 116 32.58 19.61 -5.70
C ASN A 116 31.65 18.40 -5.74
N ILE A 117 30.77 18.35 -6.74
CA ILE A 117 29.87 17.22 -6.87
C ILE A 117 30.54 16.32 -7.90
N TYR A 118 30.70 15.05 -7.52
CA TYR A 118 31.35 14.10 -8.39
C TYR A 118 30.57 12.82 -8.58
N GLN A 119 30.74 12.22 -9.75
CA GLN A 119 30.10 10.93 -9.98
C GLN A 119 31.08 9.92 -9.38
N LYS A 120 30.62 9.16 -8.40
CA LYS A 120 31.48 8.16 -7.73
C LYS A 120 32.17 7.23 -8.72
N SER A 121 31.40 6.53 -9.54
CA SER A 121 31.97 5.58 -10.50
C SER A 121 33.09 6.14 -11.36
N THR A 122 33.10 7.45 -11.65
CA THR A 122 34.15 8.00 -12.52
C THR A 122 35.15 8.97 -11.91
N GLY A 123 34.79 9.59 -10.79
CA GLY A 123 35.70 10.54 -10.17
C GLY A 123 35.72 11.83 -10.96
N GLU A 124 34.70 12.01 -11.80
CA GLU A 124 34.59 13.22 -12.59
C GLU A 124 33.43 14.08 -12.11
N ARG A 125 33.54 15.39 -12.35
CA ARG A 125 32.52 16.37 -11.98
C ARG A 125 31.25 16.23 -12.83
N LEU A 126 30.11 16.34 -12.16
CA LEU A 126 28.84 16.27 -12.84
C LEU A 126 28.48 17.64 -13.43
N PHE A 127 29.10 18.71 -12.93
CA PHE A 127 28.84 20.08 -13.40
C PHE A 127 30.09 20.92 -13.68
N LYS A 128 29.94 22.05 -14.36
CA LYS A 128 31.11 22.91 -14.59
C LYS A 128 31.51 23.49 -13.22
N PRO A 129 32.82 23.61 -12.97
CA PRO A 129 33.22 24.14 -11.66
C PRO A 129 33.22 25.66 -11.57
N TRP A 130 33.23 26.35 -12.71
CA TRP A 130 33.26 27.83 -12.71
C TRP A 130 32.87 28.41 -14.07
N ALA A 131 32.58 29.71 -14.11
CA ALA A 131 32.33 30.40 -15.38
C ALA A 131 33.24 31.63 -15.35
N LEU A 132 33.69 32.06 -16.52
CA LEU A 132 34.58 33.21 -16.64
C LEU A 132 33.84 34.34 -17.32
N PHE A 133 34.19 35.57 -16.95
CA PHE A 133 33.54 36.72 -17.50
C PHE A 133 34.60 37.73 -17.79
N LYS A 134 34.61 38.24 -19.00
CA LYS A 134 35.57 39.26 -19.35
C LYS A 134 34.78 40.56 -19.42
N ARG A 135 35.14 41.48 -18.54
CA ARG A 135 34.53 42.80 -18.42
C ARG A 135 35.65 43.84 -18.52
N GLN A 136 35.60 44.60 -19.61
CA GLN A 136 36.62 45.60 -19.95
C GLN A 136 37.95 44.90 -19.99
N ASP A 137 38.92 45.36 -19.19
CA ASP A 137 40.24 44.73 -19.13
C ASP A 137 40.34 43.66 -18.06
N LEU A 138 39.24 43.34 -17.39
CA LEU A 138 39.32 42.39 -16.29
C LEU A 138 38.73 41.04 -16.63
N LYS A 139 39.15 40.05 -15.88
CA LYS A 139 38.60 38.72 -16.06
C LYS A 139 38.12 38.28 -14.70
N ILE A 140 36.83 37.97 -14.65
CA ILE A 140 36.20 37.52 -13.43
C ILE A 140 35.82 36.06 -13.52
N ALA A 141 36.21 35.30 -12.50
CA ALA A 141 35.84 33.92 -12.44
C ALA A 141 34.88 33.74 -11.26
N VAL A 142 33.85 32.96 -11.49
CA VAL A 142 32.87 32.65 -10.47
C VAL A 142 32.89 31.14 -10.32
N ILE A 143 33.16 30.67 -9.11
CA ILE A 143 33.21 29.24 -8.82
C ILE A 143 31.90 28.94 -8.12
N GLY A 144 31.43 27.72 -8.27
CA GLY A 144 30.21 27.30 -7.61
C GLY A 144 30.56 26.18 -6.65
N LEU A 145 29.88 26.14 -5.51
CA LEU A 145 30.09 25.08 -4.52
C LEU A 145 28.78 24.71 -3.91
N THR A 146 28.65 23.43 -3.60
CA THR A 146 27.41 22.91 -3.03
C THR A 146 27.66 22.23 -1.67
N THR A 147 26.83 22.49 -0.67
CA THR A 147 27.02 21.85 0.65
C THR A 147 27.09 20.32 0.58
N ASP A 148 28.05 19.76 1.29
CA ASP A 148 28.21 18.32 1.29
C ASP A 148 27.25 17.64 2.23
N ASP A 149 26.27 18.41 2.69
CA ASP A 149 25.21 17.85 3.52
C ASP A 149 24.09 17.38 2.57
N THR A 150 24.21 17.69 1.29
CA THR A 150 23.17 17.38 0.32
C THR A 150 22.68 15.93 0.36
N ALA A 151 23.59 14.97 0.22
CA ALA A 151 23.21 13.55 0.28
C ALA A 151 22.85 13.12 1.70
N LYS A 152 23.59 13.64 2.67
CA LYS A 152 23.33 13.30 4.06
C LYS A 152 21.90 13.62 4.47
N ILE A 153 21.31 14.69 3.95
CA ILE A 153 19.96 15.01 4.35
C ILE A 153 18.93 14.79 3.24
N GLY A 154 19.38 14.41 2.05
CA GLY A 154 18.48 14.21 0.95
C GLY A 154 18.03 12.77 0.70
N ASN A 155 17.25 12.59 -0.37
CA ASN A 155 16.75 11.28 -0.75
C ASN A 155 17.90 10.33 -1.12
N PRO A 156 18.12 9.27 -0.31
CA PRO A 156 19.20 8.30 -0.54
C PRO A 156 19.33 7.76 -1.96
N GLU A 157 18.21 7.42 -2.59
CA GLU A 157 18.24 6.86 -3.94
C GLU A 157 18.87 7.73 -5.01
N TYR A 158 18.80 9.05 -4.84
CA TYR A 158 19.39 9.92 -5.85
C TYR A 158 20.90 9.94 -5.87
N PHE A 159 21.50 9.63 -4.73
CA PHE A 159 22.94 9.75 -4.63
C PHE A 159 23.82 8.52 -4.69
N THR A 160 23.23 7.37 -5.04
CA THR A 160 24.01 6.13 -5.11
C THR A 160 25.33 6.25 -5.87
N ASP A 161 25.37 7.02 -6.95
CA ASP A 161 26.61 7.18 -7.68
C ASP A 161 27.07 8.64 -7.71
N ILE A 162 26.68 9.41 -6.71
CA ILE A 162 27.04 10.85 -6.63
C ILE A 162 27.68 11.16 -5.26
N GLU A 163 28.81 11.88 -5.27
CA GLU A 163 29.43 12.27 -4.01
C GLU A 163 29.65 13.80 -3.98
N PHE A 164 29.43 14.37 -2.80
CA PHE A 164 29.65 15.80 -2.61
C PHE A 164 30.96 15.86 -1.80
N ARG A 165 32.04 16.23 -2.47
CA ARG A 165 33.27 16.34 -1.76
C ARG A 165 33.24 17.64 -0.96
N LYS A 166 34.12 17.75 0.04
CA LYS A 166 34.19 18.93 0.87
C LYS A 166 34.39 20.22 0.08
N PRO A 167 33.40 21.12 0.12
CA PRO A 167 33.44 22.40 -0.60
C PRO A 167 34.70 23.21 -0.33
N ALA A 168 35.08 23.37 0.94
CA ALA A 168 36.28 24.18 1.26
C ALA A 168 37.49 23.59 0.56
N ASP A 169 37.68 22.28 0.70
CA ASP A 169 38.83 21.62 0.07
C ASP A 169 38.78 21.79 -1.45
N GLU A 170 37.61 21.61 -2.07
CA GLU A 170 37.57 21.81 -3.53
C GLU A 170 37.90 23.27 -3.85
N ALA A 171 37.38 24.19 -3.04
CA ALA A 171 37.65 25.59 -3.32
C ALA A 171 39.19 25.85 -3.34
N LYS A 172 39.94 25.21 -2.47
CA LYS A 172 41.39 25.44 -2.47
C LYS A 172 41.96 25.05 -3.83
N LEU A 173 41.58 23.86 -4.29
CA LEU A 173 42.06 23.36 -5.56
C LEU A 173 41.68 24.19 -6.78
N VAL A 174 40.41 24.56 -6.85
CA VAL A 174 39.92 25.31 -7.98
C VAL A 174 40.59 26.71 -8.10
N ILE A 175 40.75 27.36 -6.97
CA ILE A 175 41.32 28.70 -6.94
C ILE A 175 42.75 28.61 -7.37
N GLN A 176 43.47 27.63 -6.84
CA GLN A 176 44.85 27.50 -7.23
C GLN A 176 44.89 27.27 -8.75
N GLU A 177 44.09 26.34 -9.24
CA GLU A 177 44.08 26.07 -10.68
C GLU A 177 43.83 27.36 -11.45
N LEU A 178 42.78 28.11 -11.08
CA LEU A 178 42.47 29.37 -11.75
C LEU A 178 43.64 30.35 -11.80
N GLN A 179 44.27 30.56 -10.65
CA GLN A 179 45.39 31.46 -10.53
C GLN A 179 46.51 31.00 -11.46
N GLN A 180 46.76 29.70 -11.51
CA GLN A 180 47.82 29.16 -12.36
C GLN A 180 47.50 29.19 -13.86
N THR A 181 46.26 28.88 -14.22
CA THR A 181 45.88 28.85 -15.62
C THR A 181 45.06 30.02 -16.18
N GLU A 182 44.08 30.52 -15.45
CA GLU A 182 43.27 31.57 -16.03
C GLU A 182 43.70 32.95 -15.58
N LYS A 183 44.33 33.03 -14.41
CA LYS A 183 44.81 34.31 -13.89
C LYS A 183 43.73 35.41 -13.81
N PRO A 184 42.61 35.06 -13.20
CA PRO A 184 41.57 36.08 -13.10
C PRO A 184 41.97 37.21 -12.18
N ASP A 185 41.48 38.41 -12.47
CA ASP A 185 41.76 39.53 -11.61
C ASP A 185 40.90 39.41 -10.36
N ILE A 186 39.75 38.76 -10.51
CA ILE A 186 38.80 38.63 -9.41
C ILE A 186 38.15 37.27 -9.45
N ILE A 187 38.00 36.66 -8.28
CA ILE A 187 37.32 35.38 -8.17
C ILE A 187 36.21 35.57 -7.13
N ILE A 188 35.04 35.09 -7.47
CA ILE A 188 33.90 35.15 -6.57
C ILE A 188 33.42 33.72 -6.49
N ALA A 189 32.98 33.33 -5.31
CA ALA A 189 32.42 32.00 -5.15
C ALA A 189 30.95 32.16 -4.82
N ALA A 190 30.12 31.48 -5.59
CA ALA A 190 28.68 31.44 -5.41
C ALA A 190 28.55 30.11 -4.68
N THR A 191 27.92 30.10 -3.54
CA THR A 191 27.88 28.85 -2.85
C THR A 191 26.55 28.60 -2.25
N HIS A 192 26.28 27.32 -2.00
CA HIS A 192 25.03 26.98 -1.33
C HIS A 192 25.56 26.21 -0.12
N MET A 193 26.06 26.94 0.87
CA MET A 193 26.72 26.29 2.02
C MET A 193 26.30 26.74 3.39
N GLY A 194 25.89 28.00 3.52
CA GLY A 194 25.36 28.50 4.77
C GLY A 194 26.27 29.46 5.51
N HIS A 195 25.69 30.47 6.13
CA HIS A 195 26.46 31.41 6.87
C HIS A 195 26.07 31.12 8.30
N TYR A 196 27.09 30.80 9.10
CA TYR A 196 26.91 30.53 10.53
C TYR A 196 27.75 31.51 11.31
N ASP A 197 27.13 32.26 12.18
CA ASP A 197 27.88 33.22 12.97
C ASP A 197 29.21 32.61 13.47
N ASN A 198 30.31 33.31 13.25
CA ASN A 198 31.61 32.87 13.73
C ASN A 198 32.00 31.46 13.34
N GLY A 199 31.41 30.94 12.26
CA GLY A 199 31.72 29.58 11.83
C GLY A 199 31.08 28.55 12.75
N GLU A 200 30.06 28.92 13.51
CA GLU A 200 29.44 27.96 14.43
C GLU A 200 28.31 27.17 13.79
N HIS A 201 28.71 26.28 12.89
CA HIS A 201 27.81 25.48 12.08
C HIS A 201 27.16 24.36 12.87
N GLY A 202 27.72 24.06 14.04
CA GLY A 202 27.17 23.01 14.85
C GLY A 202 27.01 21.74 14.03
N SER A 203 25.81 21.19 14.11
CA SER A 203 25.42 19.95 13.43
C SER A 203 25.48 20.00 11.90
N ASN A 204 25.38 21.21 11.36
CA ASN A 204 25.39 21.43 9.90
C ASN A 204 26.77 21.26 9.30
N ALA A 205 26.84 20.87 8.03
CA ALA A 205 28.15 20.81 7.38
C ALA A 205 28.76 22.24 7.47
N PRO A 206 30.09 22.33 7.53
CA PRO A 206 30.76 23.63 7.59
C PRO A 206 30.34 24.44 6.34
N GLY A 207 30.20 25.76 6.53
CA GLY A 207 29.77 26.60 5.45
C GLY A 207 30.72 27.69 5.03
N ASP A 208 30.18 28.85 4.62
CA ASP A 208 31.04 29.94 4.15
C ASP A 208 32.14 30.53 5.06
N VAL A 209 31.84 30.76 6.34
CA VAL A 209 32.83 31.37 7.24
C VAL A 209 34.06 30.48 7.40
N GLU A 210 33.80 29.21 7.65
CA GLU A 210 34.88 28.26 7.86
C GLU A 210 35.70 28.18 6.61
N MET A 211 35.03 28.14 5.46
CA MET A 211 35.77 28.11 4.24
C MET A 211 36.61 29.38 4.04
N ALA A 212 36.02 30.56 4.23
CA ALA A 212 36.77 31.80 4.03
C ALA A 212 38.05 31.83 4.88
N ARG A 213 37.92 31.34 6.11
CA ARG A 213 39.01 31.26 7.07
C ARG A 213 40.08 30.26 6.68
N ALA A 214 39.71 29.20 5.96
CA ALA A 214 40.69 28.19 5.54
C ALA A 214 41.43 28.50 4.24
N LEU A 215 40.85 29.36 3.41
CA LEU A 215 41.45 29.73 2.11
C LEU A 215 42.54 30.77 2.29
N PRO A 216 43.41 30.92 1.27
CA PRO A 216 44.50 31.90 1.35
C PRO A 216 43.91 33.32 1.47
N ALA A 217 44.52 34.19 2.28
CA ALA A 217 43.99 35.57 2.44
C ALA A 217 43.63 36.26 1.12
N GLY A 218 42.48 36.96 1.12
CA GLY A 218 42.02 37.67 -0.07
C GLY A 218 41.98 36.84 -1.37
N SER A 219 41.90 35.52 -1.25
CA SER A 219 41.93 34.68 -2.43
C SER A 219 40.63 34.70 -3.25
N LEU A 220 39.57 35.22 -2.63
CA LEU A 220 38.23 35.38 -3.19
C LEU A 220 37.85 36.80 -2.85
N ALA A 221 37.27 37.51 -3.79
CA ALA A 221 36.84 38.87 -3.47
C ALA A 221 35.64 38.73 -2.52
N MET A 222 34.80 37.73 -2.77
CA MET A 222 33.61 37.54 -1.97
C MET A 222 33.00 36.19 -2.20
N ILE A 223 32.17 35.82 -1.24
CA ILE A 223 31.41 34.59 -1.32
C ILE A 223 29.94 35.02 -1.32
N VAL A 224 29.21 34.63 -2.36
CA VAL A 224 27.78 34.90 -2.51
C VAL A 224 27.09 33.60 -2.11
N GLY A 225 26.45 33.60 -0.94
CA GLY A 225 25.91 32.37 -0.42
C GLY A 225 24.43 32.11 -0.36
N GLY A 226 24.08 31.10 0.40
CA GLY A 226 22.70 30.67 0.52
C GLY A 226 22.59 29.53 1.53
N HIS A 227 21.48 28.80 1.44
CA HIS A 227 21.20 27.59 2.23
C HIS A 227 20.73 27.84 3.64
N SER A 228 21.46 28.65 4.38
CA SER A 228 21.08 28.92 5.75
C SER A 228 19.86 29.82 5.74
N GLN A 229 19.67 30.51 4.61
CA GLN A 229 18.54 31.42 4.45
C GLN A 229 18.51 32.54 5.47
N ASP A 230 19.51 33.41 5.31
CA ASP A 230 19.69 34.58 6.16
C ASP A 230 20.09 35.82 5.41
N PRO A 231 19.67 36.98 5.93
CA PRO A 231 20.12 38.19 5.27
C PRO A 231 21.44 38.34 6.07
N VAL A 232 22.60 38.31 5.41
CA VAL A 232 23.85 38.43 6.15
C VAL A 232 24.22 39.92 6.37
N CYS A 233 23.75 40.45 7.49
CA CYS A 233 23.93 41.84 7.91
C CYS A 233 24.41 41.69 9.36
N MET A 234 25.64 42.09 9.62
CA MET A 234 26.25 41.93 10.92
C MET A 234 25.86 42.99 11.91
N ALA A 235 25.61 42.52 13.14
CA ALA A 235 25.23 43.33 14.29
C ALA A 235 26.52 43.63 15.02
N ALA A 236 27.45 42.67 15.00
CA ALA A 236 28.76 42.85 15.62
C ALA A 236 29.62 41.89 14.86
N GLU A 237 30.91 41.97 15.04
CA GLU A 237 31.78 41.03 14.37
C GLU A 237 31.39 39.61 14.75
N ASN A 238 31.22 38.80 13.72
CA ASN A 238 30.84 37.40 13.86
C ASN A 238 29.47 37.15 14.46
N LYS A 239 28.61 38.16 14.43
CA LYS A 239 27.27 37.94 14.92
C LYS A 239 26.29 38.60 13.97
N LYS A 240 25.41 37.84 13.32
CA LYS A 240 24.44 38.45 12.40
C LYS A 240 23.35 39.14 13.24
N GLN A 241 22.72 40.16 12.68
CA GLN A 241 21.60 40.78 13.34
C GLN A 241 20.55 39.67 13.36
N VAL A 242 19.67 39.73 14.36
CA VAL A 242 18.54 38.81 14.52
C VAL A 242 17.38 39.73 14.16
N ASP A 243 16.41 39.27 13.41
CA ASP A 243 15.32 40.19 13.05
C ASP A 243 15.86 41.40 12.24
N TYR A 244 16.63 41.11 11.21
CA TYR A 244 17.09 42.18 10.36
C TYR A 244 15.83 42.87 9.79
N VAL A 245 15.82 44.19 9.74
CA VAL A 245 14.65 44.95 9.22
C VAL A 245 14.90 45.43 7.78
N PRO A 246 14.02 45.06 6.84
CA PRO A 246 14.12 45.46 5.42
C PRO A 246 14.30 46.99 5.29
N GLY A 247 15.15 47.47 4.40
CA GLY A 247 15.33 48.91 4.29
C GLY A 247 16.44 49.49 5.18
N THR A 248 16.93 48.75 6.19
CA THR A 248 17.99 49.29 7.03
C THR A 248 19.37 48.88 6.54
N PRO A 249 20.41 49.52 7.06
CA PRO A 249 21.74 49.15 6.59
C PRO A 249 22.07 47.69 6.84
N CYS A 250 22.82 47.15 5.90
CA CYS A 250 23.21 45.78 5.99
C CYS A 250 24.68 45.75 5.75
N LYS A 251 25.39 45.42 6.79
CA LYS A 251 26.82 45.32 6.77
C LYS A 251 27.11 43.83 6.52
N PRO A 252 27.70 43.52 5.38
CA PRO A 252 28.00 42.12 5.06
C PRO A 252 29.15 41.61 5.92
N ASP A 253 29.26 40.30 6.09
CA ASP A 253 30.32 39.71 6.87
C ASP A 253 31.60 39.80 6.04
N GLN A 254 32.73 39.81 6.74
CA GLN A 254 34.02 39.78 6.06
C GLN A 254 34.91 38.86 6.91
N GLN A 255 35.47 37.85 6.25
CA GLN A 255 36.33 36.90 6.95
C GLN A 255 37.62 36.68 6.14
N ASN A 256 38.77 36.77 6.81
CA ASN A 256 40.07 36.56 6.16
C ASN A 256 40.14 37.39 4.84
N GLY A 257 39.63 38.61 4.88
CA GLY A 257 39.66 39.50 3.74
C GLY A 257 38.58 39.21 2.70
N ILE A 258 37.76 38.18 2.92
CA ILE A 258 36.75 37.81 1.93
C ILE A 258 35.35 38.20 2.38
N TRP A 259 34.63 38.99 1.57
CA TRP A 259 33.29 39.36 1.96
C TRP A 259 32.40 38.14 1.84
N ILE A 260 31.32 38.10 2.63
CA ILE A 260 30.36 37.00 2.58
C ILE A 260 28.99 37.64 2.65
N VAL A 261 28.15 37.29 1.68
CA VAL A 261 26.85 37.88 1.60
C VAL A 261 25.77 36.83 1.41
N GLN A 262 24.55 37.22 1.77
CA GLN A 262 23.42 36.35 1.56
C GLN A 262 22.16 37.21 1.57
N ALA A 263 21.23 36.91 0.66
CA ALA A 263 20.04 37.74 0.49
C ALA A 263 18.75 37.11 1.00
N HIS A 264 18.91 36.38 2.10
CA HIS A 264 17.83 35.71 2.79
C HIS A 264 17.11 34.60 2.02
N GLU A 265 15.96 34.91 1.43
CA GLU A 265 15.25 33.87 0.73
C GLU A 265 14.16 34.40 -0.18
N TRP A 266 13.59 33.48 -0.96
CA TRP A 266 12.43 33.69 -1.80
C TRP A 266 12.29 34.96 -2.63
N GLY A 267 13.39 35.54 -3.10
CA GLY A 267 13.31 36.76 -3.89
C GLY A 267 12.93 37.96 -3.04
N LYS A 268 13.04 37.83 -1.71
CA LYS A 268 12.73 38.93 -0.82
C LYS A 268 13.65 40.12 -0.98
N TYR A 269 14.90 39.87 -1.36
CA TYR A 269 15.86 40.94 -1.57
C TYR A 269 16.74 40.63 -2.74
N VAL A 270 17.33 41.69 -3.29
CA VAL A 270 18.35 41.51 -4.26
C VAL A 270 19.50 42.20 -3.57
N GLY A 271 20.55 41.45 -3.23
CA GLY A 271 21.68 42.11 -2.62
C GLY A 271 22.46 42.82 -3.69
N ARG A 272 23.10 43.92 -3.31
CA ARG A 272 23.89 44.70 -4.25
C ARG A 272 25.24 45.12 -3.62
N ALA A 273 26.31 44.54 -4.17
CA ALA A 273 27.67 44.81 -3.68
C ALA A 273 28.35 45.65 -4.75
N ASP A 274 28.70 46.88 -4.41
CA ASP A 274 29.32 47.79 -5.34
C ASP A 274 30.82 47.82 -5.06
N PHE A 275 31.57 47.35 -6.04
CA PHE A 275 33.03 47.32 -5.96
C PHE A 275 33.74 48.25 -6.93
N GLU A 276 34.95 48.69 -6.52
CA GLU A 276 35.84 49.44 -7.38
C GLU A 276 37.16 48.68 -7.33
N PHE A 277 37.77 48.53 -8.49
CA PHE A 277 39.04 47.82 -8.61
C PHE A 277 40.00 48.79 -9.23
N ARG A 278 41.19 48.85 -8.64
CA ARG A 278 42.24 49.72 -9.16
C ARG A 278 43.62 49.22 -8.75
N ASN A 279 44.47 48.98 -9.76
CA ASN A 279 45.82 48.52 -9.50
C ASN A 279 45.83 47.36 -8.53
N GLY A 280 44.94 46.39 -8.72
CA GLY A 280 44.93 45.27 -7.81
C GLY A 280 44.07 45.37 -6.56
N GLU A 281 43.81 46.56 -6.02
CA GLU A 281 42.93 46.52 -4.85
C GLU A 281 41.43 46.54 -5.22
N MET A 282 40.69 45.67 -4.52
CA MET A 282 39.25 45.45 -4.65
C MET A 282 38.58 46.12 -3.47
N LYS A 283 37.93 47.27 -3.67
CA LYS A 283 37.25 47.93 -2.57
C LYS A 283 35.76 47.82 -2.68
N MET A 284 35.09 47.35 -1.61
CA MET A 284 33.64 47.33 -1.65
C MET A 284 33.25 48.75 -1.22
N VAL A 285 32.67 49.56 -2.10
CA VAL A 285 32.33 50.92 -1.74
C VAL A 285 30.93 51.07 -1.18
N ASN A 286 30.06 50.09 -1.47
CA ASN A 286 28.71 50.03 -0.94
C ASN A 286 28.17 48.63 -1.00
N TYR A 287 27.32 48.33 -0.03
CA TYR A 287 26.59 47.08 0.02
C TYR A 287 25.22 47.40 0.62
N GLN A 288 24.18 46.77 0.09
CA GLN A 288 22.84 46.93 0.65
C GLN A 288 22.05 45.68 0.23
N LEU A 289 20.91 45.44 0.87
CA LEU A 289 20.02 44.36 0.49
C LEU A 289 18.83 45.22 0.03
N ILE A 290 18.36 45.01 -1.19
CA ILE A 290 17.26 45.82 -1.66
C ILE A 290 16.01 44.99 -1.50
N PRO A 291 15.03 45.49 -0.74
CA PRO A 291 13.78 44.78 -0.50
C PRO A 291 12.99 44.76 -1.81
N VAL A 292 12.43 43.62 -2.13
CA VAL A 292 11.61 43.60 -3.31
C VAL A 292 10.12 43.66 -2.86
N ASN A 293 9.61 44.90 -2.73
CA ASN A 293 8.22 45.13 -2.32
C ASN A 293 7.85 44.43 -0.99
N LEU A 294 8.79 44.44 -0.06
CA LEU A 294 8.50 43.85 1.25
C LEU A 294 7.60 44.84 1.99
N LYS A 295 6.72 44.32 2.82
CA LYS A 295 5.79 45.20 3.53
C LYS A 295 5.78 44.89 5.00
N LYS A 296 5.47 45.91 5.81
CA LYS A 296 5.37 45.75 7.24
C LYS A 296 3.90 46.00 7.63
N LYS A 297 3.55 45.55 8.83
CA LYS A 297 2.21 45.72 9.35
C LYS A 297 2.17 46.96 10.19
N VAL A 298 1.17 47.78 9.95
CA VAL A 298 1.02 48.99 10.73
C VAL A 298 -0.32 48.72 11.38
N THR A 299 -0.44 49.09 12.65
CA THR A 299 -1.68 48.85 13.35
C THR A 299 -2.19 50.13 13.95
N TRP A 300 -3.43 50.46 13.62
CA TRP A 300 -4.08 51.67 14.10
C TRP A 300 -4.76 51.37 15.42
N GLU A 301 -4.89 52.39 16.27
CA GLU A 301 -5.50 52.25 17.58
C GLU A 301 -6.92 51.70 17.51
N ASP A 302 -7.60 51.91 16.38
CA ASP A 302 -8.95 51.39 16.22
C ASP A 302 -8.84 49.88 15.96
N GLY A 303 -7.60 49.39 16.02
CA GLY A 303 -7.36 47.97 15.83
C GLY A 303 -7.14 47.50 14.41
N LYS A 304 -7.53 48.31 13.44
CA LYS A 304 -7.35 47.92 12.04
C LYS A 304 -5.84 47.95 11.78
N SER A 305 -5.41 47.08 10.88
CA SER A 305 -4.01 47.00 10.55
C SER A 305 -3.93 46.85 9.06
N GLU A 306 -2.83 47.33 8.48
CA GLU A 306 -2.66 47.21 7.04
C GLU A 306 -1.18 47.03 6.68
N ARG A 307 -0.94 46.53 5.47
CA ARG A 307 0.39 46.26 4.98
C ARG A 307 0.96 47.45 4.21
N VAL A 308 2.09 47.96 4.69
CA VAL A 308 2.75 49.09 4.06
C VAL A 308 4.20 48.79 3.68
N LEU A 309 4.51 49.12 2.42
CA LEU A 309 5.80 48.94 1.80
C LEU A 309 6.92 49.64 2.53
N TYR A 310 8.05 48.98 2.65
CA TYR A 310 9.21 49.59 3.32
C TYR A 310 9.83 50.64 2.46
N THR A 311 9.74 50.42 1.16
CA THR A 311 10.37 51.31 0.24
C THR A 311 9.40 51.50 -0.92
N PRO A 312 9.67 52.49 -1.79
CA PRO A 312 8.80 52.75 -2.95
C PRO A 312 8.45 51.52 -3.71
N GLU A 313 7.17 51.37 -4.04
CA GLU A 313 6.77 50.20 -4.80
C GLU A 313 7.56 50.00 -6.09
N ILE A 314 7.89 48.75 -6.39
CA ILE A 314 8.61 48.42 -7.61
C ILE A 314 7.57 47.80 -8.52
N ALA A 315 7.37 48.39 -9.70
CA ALA A 315 6.39 47.87 -10.67
C ALA A 315 6.75 46.51 -11.26
N GLU A 316 5.74 45.66 -11.46
CA GLU A 316 5.98 44.36 -12.06
C GLU A 316 6.20 44.51 -13.56
N ASN A 317 7.28 43.91 -14.04
CA ASN A 317 7.61 43.94 -15.44
C ASN A 317 6.56 43.06 -16.13
N GLN A 318 5.88 43.64 -17.11
CA GLN A 318 4.81 42.96 -17.80
C GLN A 318 5.26 41.82 -18.68
N GLN A 319 6.44 41.96 -19.29
CA GLN A 319 6.98 40.89 -20.13
C GLN A 319 7.21 39.69 -19.19
N MET A 320 7.66 39.97 -17.96
CA MET A 320 7.86 38.87 -17.03
C MET A 320 6.49 38.31 -16.69
N ILE A 321 5.53 39.19 -16.39
CA ILE A 321 4.19 38.70 -16.06
C ILE A 321 3.64 37.83 -17.22
N SER A 322 3.82 38.28 -18.46
CA SER A 322 3.32 37.52 -19.63
C SER A 322 3.97 36.15 -19.71
N LEU A 323 5.25 36.10 -19.39
CA LEU A 323 5.97 34.83 -19.41
C LEU A 323 5.51 33.90 -18.30
N LEU A 324 5.31 34.44 -17.11
CA LEU A 324 4.93 33.59 -15.96
C LEU A 324 3.45 33.27 -15.80
N SER A 325 2.57 34.12 -16.32
CA SER A 325 1.13 33.90 -16.18
C SER A 325 0.59 32.51 -16.46
N PRO A 326 0.95 31.90 -17.60
CA PRO A 326 0.44 30.54 -17.90
C PRO A 326 0.83 29.55 -16.80
N PHE A 327 2.07 29.64 -16.33
CA PHE A 327 2.54 28.74 -15.28
C PHE A 327 1.79 29.03 -14.01
N GLN A 328 1.57 30.30 -13.71
CA GLN A 328 0.83 30.67 -12.49
C GLN A 328 -0.63 30.21 -12.50
N ASN A 329 -1.24 30.15 -13.68
CA ASN A 329 -2.64 29.75 -13.76
C ASN A 329 -2.93 28.30 -14.13
N LYS A 330 -1.93 27.58 -14.61
CA LYS A 330 -2.11 26.18 -14.98
C LYS A 330 -2.75 25.41 -13.83
N GLY A 331 -4.01 25.02 -14.01
CA GLY A 331 -4.71 24.26 -13.00
C GLY A 331 -5.02 25.00 -11.70
N LYS A 332 -5.16 26.32 -11.76
CA LYS A 332 -5.44 27.11 -10.56
C LYS A 332 -6.70 26.65 -9.81
N ALA A 333 -7.79 26.51 -10.56
CA ALA A 333 -9.08 26.09 -9.99
C ALA A 333 -8.95 24.81 -9.15
N GLN A 334 -8.19 23.84 -9.64
CA GLN A 334 -8.01 22.60 -8.90
C GLN A 334 -7.28 22.79 -7.59
N LEU A 335 -6.13 23.45 -7.67
CA LEU A 335 -5.31 23.69 -6.49
C LEU A 335 -6.07 24.43 -5.41
N GLU A 336 -6.96 25.33 -5.82
CA GLU A 336 -7.73 26.14 -4.91
C GLU A 336 -9.08 25.57 -4.51
N VAL A 337 -9.34 24.32 -4.86
CA VAL A 337 -10.61 23.72 -4.48
C VAL A 337 -10.62 23.47 -2.98
N LYS A 338 -11.74 23.81 -2.33
CA LYS A 338 -11.88 23.56 -0.89
C LYS A 338 -11.98 22.06 -0.75
N ILE A 339 -11.18 21.48 0.15
CA ILE A 339 -11.21 20.05 0.37
C ILE A 339 -11.62 19.74 1.80
N GLY A 340 -11.60 20.75 2.66
CA GLY A 340 -11.96 20.57 4.06
C GLY A 340 -11.76 21.85 4.85
N GLU A 341 -11.91 21.75 6.16
CA GLU A 341 -11.74 22.89 7.04
C GLU A 341 -11.16 22.44 8.37
N THR A 342 -10.41 23.32 9.03
CA THR A 342 -9.83 22.95 10.30
C THR A 342 -10.26 23.87 11.43
N ASN A 343 -10.53 23.25 12.56
CA ASN A 343 -10.96 23.88 13.81
C ASN A 343 -10.03 25.05 14.13
N GLY A 344 -8.74 24.83 13.90
CA GLY A 344 -7.74 25.85 14.18
C GLY A 344 -6.45 25.60 13.42
N ARG A 345 -5.44 26.41 13.71
CA ARG A 345 -4.14 26.32 13.06
C ARG A 345 -3.39 25.00 13.35
N LEU A 346 -2.89 24.39 12.28
CA LEU A 346 -2.14 23.15 12.39
C LEU A 346 -0.66 23.51 12.36
N GLU A 347 -0.06 23.56 13.55
CA GLU A 347 1.34 23.92 13.73
C GLU A 347 2.30 23.18 12.81
N GLY A 348 2.88 23.91 11.86
CA GLY A 348 3.81 23.28 10.93
C GLY A 348 5.07 24.06 10.64
N ASP A 349 5.47 24.96 11.53
CA ASP A 349 6.69 25.74 11.31
C ASP A 349 7.92 24.97 11.78
N ARG A 350 8.98 25.09 11.01
CA ARG A 350 10.23 24.39 11.30
C ARG A 350 10.61 24.50 12.78
N ASP A 351 10.62 25.73 13.30
CA ASP A 351 10.98 26.00 14.68
C ASP A 351 10.27 25.05 15.63
N LYS A 352 9.13 24.52 15.20
CA LYS A 352 8.34 23.60 15.99
C LYS A 352 8.63 22.16 15.57
N VAL A 353 8.09 21.77 14.41
CA VAL A 353 8.27 20.42 13.87
C VAL A 353 9.71 19.91 13.93
N ARG A 354 10.67 20.80 14.13
CA ARG A 354 12.08 20.41 14.19
C ARG A 354 12.54 20.23 15.65
N PHE A 355 11.75 20.77 16.58
CA PHE A 355 12.07 20.71 17.99
C PHE A 355 11.07 19.99 18.89
N VAL A 356 9.79 20.14 18.58
CA VAL A 356 8.73 19.52 19.38
C VAL A 356 7.65 18.80 18.55
N GLN A 357 6.79 18.03 19.23
CA GLN A 357 5.71 17.34 18.55
C GLN A 357 4.64 18.39 18.26
N THR A 358 3.92 18.26 17.14
CA THR A 358 2.85 19.21 16.79
C THR A 358 1.64 18.49 16.21
N ASN A 359 0.52 19.19 16.07
CA ASN A 359 -0.70 18.58 15.54
C ASN A 359 -0.68 18.32 14.03
N MET A 360 0.12 19.09 13.29
CA MET A 360 0.24 18.89 11.85
C MET A 360 0.91 17.53 11.69
N GLY A 361 1.83 17.23 12.61
CA GLY A 361 2.53 15.96 12.59
C GLY A 361 1.54 14.85 12.88
N ARG A 362 0.67 15.08 13.86
CA ARG A 362 -0.34 14.09 14.22
C ARG A 362 -1.27 13.91 13.03
N LEU A 363 -1.61 15.02 12.39
CA LEU A 363 -2.50 15.00 11.25
C LEU A 363 -1.94 14.21 10.07
N ILE A 364 -0.75 14.59 9.63
CA ILE A 364 -0.16 13.91 8.49
C ILE A 364 -0.02 12.44 8.81
N LEU A 365 0.50 12.15 10.00
CA LEU A 365 0.68 10.76 10.42
C LEU A 365 -0.68 10.04 10.51
N ALA A 366 -1.71 10.74 10.96
CA ALA A 366 -3.03 10.15 11.08
C ALA A 366 -3.47 9.72 9.70
N ALA A 367 -3.20 10.59 8.74
CA ALA A 367 -3.57 10.31 7.36
C ALA A 367 -2.84 9.08 6.88
N GLN A 368 -1.58 8.99 7.27
CA GLN A 368 -0.75 7.89 6.85
C GLN A 368 -1.09 6.54 7.46
N MET A 369 -1.41 6.51 8.76
CA MET A 369 -1.76 5.25 9.41
C MET A 369 -3.11 4.77 8.90
N ASP A 370 -4.06 5.69 8.83
CA ASP A 370 -5.39 5.40 8.35
C ASP A 370 -5.36 4.72 6.98
N ARG A 371 -4.50 5.22 6.09
CA ARG A 371 -4.41 4.66 4.75
C ARG A 371 -3.66 3.33 4.71
N THR A 372 -2.86 3.08 5.74
CA THR A 372 -2.05 1.88 5.78
C THR A 372 -2.48 0.83 6.82
N GLY A 373 -3.46 1.18 7.65
CA GLY A 373 -3.90 0.28 8.69
C GLY A 373 -2.78 0.11 9.70
N ALA A 374 -1.96 1.16 9.84
CA ALA A 374 -0.82 1.12 10.76
C ALA A 374 -1.24 1.36 12.20
N ASP A 375 -0.48 0.78 13.13
CA ASP A 375 -0.75 0.94 14.55
C ASP A 375 -0.11 2.25 15.06
N PHE A 376 1.09 2.55 14.59
CA PHE A 376 1.78 3.79 14.99
C PHE A 376 2.46 4.47 13.79
N ALA A 377 2.90 5.72 13.94
CA ALA A 377 3.53 6.42 12.83
C ALA A 377 4.62 7.44 13.20
N VAL A 378 5.45 7.77 12.22
CA VAL A 378 6.53 8.72 12.40
C VAL A 378 7.00 9.28 11.07
N MET A 379 7.48 10.52 11.09
CA MET A 379 8.01 11.16 9.89
C MET A 379 9.05 12.17 10.35
N SER A 380 9.89 12.66 9.43
CA SER A 380 10.89 13.66 9.79
C SER A 380 10.20 15.00 9.95
N GLY A 381 10.58 15.76 10.97
CA GLY A 381 9.98 17.07 11.15
C GLY A 381 10.40 17.88 9.94
N GLY A 382 11.55 17.51 9.38
CA GLY A 382 12.06 18.18 8.19
C GLY A 382 11.21 17.86 6.98
N GLY A 383 10.14 17.10 7.21
CA GLY A 383 9.24 16.75 6.14
C GLY A 383 8.02 17.66 6.19
N ILE A 384 7.84 18.36 7.31
CA ILE A 384 6.71 19.26 7.48
C ILE A 384 7.19 20.63 7.02
N ARG A 385 6.81 21.01 5.81
CA ARG A 385 7.29 22.28 5.27
C ARG A 385 6.42 23.49 5.60
N ASP A 386 5.19 23.25 6.04
CA ASP A 386 4.35 24.39 6.34
C ASP A 386 3.21 24.08 7.30
N SER A 387 2.68 25.15 7.88
CA SER A 387 1.58 25.09 8.82
C SER A 387 0.27 25.34 8.05
N ILE A 388 -0.86 25.01 8.65
CA ILE A 388 -2.16 25.24 8.02
C ILE A 388 -3.01 26.01 9.01
N GLU A 389 -3.65 27.08 8.56
CA GLU A 389 -4.45 27.87 9.47
C GLU A 389 -5.93 27.56 9.51
N ALA A 390 -6.57 28.05 10.58
CA ALA A 390 -7.99 27.87 10.81
C ALA A 390 -8.74 28.33 9.57
N GLY A 391 -9.72 27.56 9.13
CA GLY A 391 -10.47 27.94 7.94
C GLY A 391 -10.46 26.81 6.92
N ASP A 392 -10.87 27.14 5.70
CA ASP A 392 -10.91 26.15 4.62
C ASP A 392 -9.52 25.66 4.27
N ILE A 393 -9.46 24.45 3.71
CA ILE A 393 -8.20 23.85 3.30
C ILE A 393 -8.30 23.41 1.85
N SER A 394 -7.35 23.85 1.05
CA SER A 394 -7.30 23.53 -0.38
C SER A 394 -6.16 22.57 -0.64
N TYR A 395 -6.20 21.88 -1.77
CA TYR A 395 -5.13 20.94 -2.06
C TYR A 395 -3.79 21.71 -2.09
N LYS A 396 -3.83 22.92 -2.60
CA LYS A 396 -2.63 23.74 -2.65
C LYS A 396 -2.10 23.86 -1.24
N ASN A 397 -2.98 24.05 -0.27
CA ASN A 397 -2.57 24.17 1.13
C ASN A 397 -1.73 22.99 1.53
N VAL A 398 -2.14 21.82 1.06
CA VAL A 398 -1.45 20.58 1.42
C VAL A 398 -0.13 20.40 0.72
N LEU A 399 -0.07 20.77 -0.57
CA LEU A 399 1.18 20.63 -1.33
C LEU A 399 2.25 21.58 -0.78
N LYS A 400 1.80 22.51 0.05
CA LYS A 400 2.68 23.49 0.66
C LYS A 400 3.30 22.86 1.91
N VAL A 401 2.55 22.00 2.60
CA VAL A 401 3.06 21.33 3.79
C VAL A 401 3.95 20.15 3.42
N GLN A 402 3.57 19.41 2.39
CA GLN A 402 4.32 18.25 1.93
C GLN A 402 4.57 18.45 0.43
N PRO A 403 5.74 18.99 0.07
CA PRO A 403 6.09 19.27 -1.34
C PRO A 403 7.10 18.37 -1.98
N PHE A 404 7.65 17.43 -1.22
CA PHE A 404 8.67 16.56 -1.76
C PHE A 404 8.19 15.43 -2.66
N GLY A 405 6.89 15.14 -2.63
CA GLY A 405 6.38 14.04 -3.43
C GLY A 405 6.84 12.69 -2.85
N ASN A 406 6.94 12.60 -1.53
CA ASN A 406 7.35 11.34 -0.90
C ASN A 406 6.22 10.28 -1.02
N VAL A 407 6.57 9.02 -0.86
CA VAL A 407 5.60 7.93 -0.95
C VAL A 407 5.33 7.38 0.46
N VAL A 408 4.08 7.03 0.75
CA VAL A 408 3.74 6.48 2.06
C VAL A 408 4.00 4.97 2.00
N VAL A 409 4.68 4.46 3.03
CA VAL A 409 5.00 3.05 3.08
C VAL A 409 4.83 2.56 4.51
N TYR A 410 4.79 1.25 4.67
CA TYR A 410 4.66 0.69 6.01
C TYR A 410 5.55 -0.53 6.17
N ALA A 411 5.73 -0.90 7.42
CA ALA A 411 6.52 -2.06 7.77
C ALA A 411 5.83 -2.82 8.90
N ASP A 412 5.72 -4.12 8.72
CA ASP A 412 5.12 -4.98 9.75
C ASP A 412 6.31 -5.64 10.43
N MET A 413 6.59 -5.19 11.65
CA MET A 413 7.72 -5.69 12.42
C MET A 413 7.38 -6.30 13.78
N THR A 414 8.24 -7.19 14.24
CA THR A 414 8.08 -7.83 15.53
C THR A 414 8.23 -6.74 16.58
N GLY A 415 7.60 -6.92 17.75
CA GLY A 415 7.71 -5.92 18.81
C GLY A 415 9.18 -5.68 19.10
N LYS A 416 9.96 -6.70 18.78
CA LYS A 416 11.41 -6.68 18.95
C LYS A 416 11.94 -5.54 18.08
N GLU A 417 11.76 -5.70 16.77
CA GLU A 417 12.20 -4.72 15.79
C GLU A 417 11.63 -3.35 16.10
N VAL A 418 10.38 -3.30 16.56
CA VAL A 418 9.74 -2.03 16.90
C VAL A 418 10.61 -1.27 17.91
N ILE A 419 10.78 -1.86 19.10
CA ILE A 419 11.60 -1.22 20.14
C ILE A 419 12.95 -0.75 19.60
N ASP A 420 13.65 -1.65 18.91
CA ASP A 420 14.96 -1.35 18.34
C ASP A 420 14.91 -0.16 17.37
N TYR A 421 13.86 -0.11 16.57
CA TYR A 421 13.68 0.96 15.61
C TYR A 421 13.37 2.30 16.30
N LEU A 422 12.39 2.30 17.19
CA LEU A 422 12.02 3.51 17.91
C LEU A 422 13.16 4.01 18.79
N THR A 423 13.93 3.08 19.36
CA THR A 423 15.05 3.46 20.20
C THR A 423 16.04 4.23 19.34
N ALA A 424 16.28 3.72 18.14
CA ALA A 424 17.21 4.34 17.19
C ALA A 424 16.72 5.74 16.82
N VAL A 425 15.51 5.82 16.27
CA VAL A 425 14.93 7.09 15.86
C VAL A 425 14.91 8.12 16.99
N ALA A 426 14.60 7.68 18.20
CA ALA A 426 14.55 8.60 19.33
C ALA A 426 15.92 9.22 19.59
N GLN A 427 16.96 8.59 19.06
CA GLN A 427 18.33 9.09 19.28
C GLN A 427 18.68 10.39 18.55
N MET A 428 17.78 10.86 17.71
CA MET A 428 18.03 12.09 16.97
C MET A 428 17.31 13.24 17.64
N LYS A 429 18.10 14.19 18.11
CA LYS A 429 17.61 15.34 18.84
C LYS A 429 16.99 16.46 18.03
N PRO A 430 16.46 17.48 18.72
CA PRO A 430 15.82 18.63 18.08
C PRO A 430 16.83 19.48 17.32
N ASP A 431 16.28 20.41 16.53
CA ASP A 431 17.06 21.32 15.69
C ASP A 431 17.64 20.54 14.53
N SER A 432 16.93 19.49 14.14
CA SER A 432 17.35 18.64 13.04
C SER A 432 16.13 18.23 12.23
N GLY A 433 16.30 18.15 10.92
CA GLY A 433 15.19 17.74 10.08
C GLY A 433 14.89 16.29 10.38
N ALA A 434 15.90 15.58 10.87
CA ALA A 434 15.77 14.17 11.20
C ALA A 434 15.00 14.01 12.52
N TYR A 435 14.68 15.13 13.16
CA TYR A 435 13.92 15.12 14.40
C TYR A 435 12.70 14.24 14.16
N PRO A 436 12.28 13.47 15.17
CA PRO A 436 11.11 12.64 14.88
C PRO A 436 9.76 13.26 15.22
N GLN A 437 8.72 12.76 14.54
CA GLN A 437 7.34 13.18 14.76
C GLN A 437 6.63 11.87 14.99
N PHE A 438 5.90 11.76 16.11
CA PHE A 438 5.20 10.53 16.42
C PHE A 438 3.69 10.62 16.52
N ALA A 439 3.03 9.48 16.37
CA ALA A 439 1.59 9.35 16.47
C ALA A 439 1.38 7.95 17.07
N ASN A 440 0.39 7.81 17.96
CA ASN A 440 0.10 6.53 18.63
C ASN A 440 1.35 5.85 19.18
N VAL A 441 2.18 6.63 19.86
CA VAL A 441 3.40 6.11 20.45
C VAL A 441 3.63 6.90 21.73
N SER A 442 4.47 6.35 22.60
CA SER A 442 4.76 7.01 23.86
C SER A 442 5.89 6.30 24.59
N PHE A 443 6.64 7.06 25.37
CA PHE A 443 7.74 6.51 26.13
C PHE A 443 8.38 7.55 27.02
N VAL A 444 9.23 7.07 27.93
CA VAL A 444 9.96 7.91 28.86
C VAL A 444 11.43 7.63 28.57
N ALA A 445 11.82 7.85 27.32
CA ALA A 445 13.19 7.63 26.85
C ALA A 445 14.21 8.30 27.75
N LYS A 446 15.33 7.62 27.98
CA LYS A 446 16.36 8.14 28.87
C LYS A 446 17.66 7.41 28.58
N ASP A 447 18.77 8.14 28.66
CA ASP A 447 20.10 7.59 28.40
C ASP A 447 20.11 6.57 27.26
N GLY A 448 19.59 6.98 26.11
CA GLY A 448 19.55 6.14 24.92
C GLY A 448 18.62 4.95 24.96
N LYS A 449 18.02 4.69 26.12
CA LYS A 449 17.11 3.57 26.28
C LYS A 449 15.66 4.05 26.26
N LEU A 450 14.75 3.15 25.87
CA LEU A 450 13.33 3.48 25.83
C LEU A 450 12.56 2.93 27.04
N ASN A 451 12.43 3.75 28.07
CA ASN A 451 11.70 3.37 29.29
C ASN A 451 10.19 3.58 29.13
N ASP A 452 9.41 2.56 29.49
CA ASP A 452 7.97 2.64 29.40
C ASP A 452 7.48 2.77 27.95
N LEU A 453 8.07 1.97 27.05
CA LEU A 453 7.67 2.02 25.65
C LEU A 453 6.28 1.42 25.41
N LYS A 454 5.48 2.12 24.61
CA LYS A 454 4.12 1.68 24.27
C LYS A 454 3.65 2.11 22.87
N ILE A 455 2.66 1.39 22.34
CA ILE A 455 2.06 1.64 21.03
C ILE A 455 0.55 1.81 21.24
N LYS A 456 0.05 3.03 21.15
CA LYS A 456 -1.37 3.35 21.34
C LYS A 456 -1.74 3.46 22.82
N GLY A 457 -0.95 2.80 23.68
CA GLY A 457 -1.20 2.85 25.11
C GLY A 457 -0.95 1.52 25.81
N GLU A 458 -0.47 0.54 25.04
CA GLU A 458 -0.17 -0.80 25.54
C GLU A 458 1.29 -1.14 25.25
N PRO A 459 2.06 -1.54 26.28
CA PRO A 459 3.46 -1.88 26.06
C PRO A 459 3.69 -2.76 24.83
N VAL A 460 4.93 -2.79 24.38
CA VAL A 460 5.31 -3.58 23.21
C VAL A 460 5.49 -5.06 23.52
N ASP A 461 4.73 -5.91 22.83
CA ASP A 461 4.86 -7.35 23.02
C ASP A 461 5.84 -7.87 21.98
N PRO A 462 7.01 -8.31 22.44
CA PRO A 462 8.02 -8.82 21.50
C PRO A 462 7.42 -9.80 20.50
N ALA A 463 6.65 -10.75 21.00
CA ALA A 463 6.03 -11.77 20.15
C ALA A 463 5.08 -11.17 19.10
N LYS A 464 4.22 -10.24 19.54
CA LYS A 464 3.26 -9.58 18.64
C LYS A 464 3.95 -8.64 17.67
N THR A 465 3.43 -8.59 16.44
CA THR A 465 4.00 -7.70 15.46
C THR A 465 3.12 -6.45 15.38
N TYR A 466 3.65 -5.38 14.80
CA TYR A 466 2.91 -4.14 14.63
C TYR A 466 3.22 -3.57 13.25
N ARG A 467 2.32 -2.72 12.75
CA ARG A 467 2.52 -2.08 11.46
C ARG A 467 2.80 -0.60 11.65
N MET A 468 3.96 -0.16 11.19
CA MET A 468 4.30 1.24 11.32
C MET A 468 4.22 1.87 9.93
N ALA A 469 3.79 3.13 9.90
CA ALA A 469 3.67 3.86 8.65
C ALA A 469 4.66 5.02 8.64
N THR A 470 5.21 5.30 7.45
CA THR A 470 6.16 6.38 7.25
C THR A 470 6.32 6.69 5.75
N LEU A 471 7.34 7.47 5.40
CA LEU A 471 7.61 7.83 3.99
C LEU A 471 8.73 6.94 3.47
N ASN A 472 8.86 6.83 2.16
CA ASN A 472 9.92 6.02 1.58
C ASN A 472 11.24 6.65 1.94
N PHE A 473 11.26 7.99 1.96
CA PHE A 473 12.44 8.77 2.31
C PHE A 473 13.04 8.18 3.59
N ASN A 474 12.28 8.29 4.67
CA ASN A 474 12.71 7.77 5.95
C ASN A 474 12.98 6.28 5.89
N ALA A 475 12.10 5.56 5.20
CA ALA A 475 12.22 4.11 5.09
C ALA A 475 13.51 3.67 4.38
N THR A 476 14.03 4.52 3.51
CA THR A 476 15.24 4.18 2.77
C THR A 476 16.48 4.69 3.48
N GLY A 477 16.29 5.34 4.62
CA GLY A 477 17.45 5.83 5.34
C GLY A 477 17.67 7.33 5.33
N GLY A 478 16.71 8.09 4.80
CA GLY A 478 16.82 9.54 4.79
C GLY A 478 16.98 9.99 6.23
N ASP A 479 17.80 11.02 6.45
CA ASP A 479 18.08 11.52 7.80
C ASP A 479 18.73 10.40 8.62
N GLY A 480 19.26 9.42 7.88
CA GLY A 480 19.94 8.30 8.49
C GLY A 480 19.05 7.37 9.29
N TYR A 481 17.76 7.38 8.99
CA TYR A 481 16.81 6.51 9.69
C TYR A 481 17.10 5.04 9.32
N PRO A 482 16.82 4.11 10.25
CA PRO A 482 17.07 2.69 9.98
C PRO A 482 16.40 2.19 8.70
N ARG A 483 17.21 1.69 7.77
CA ARG A 483 16.70 1.16 6.52
C ARG A 483 15.57 0.14 6.74
N LEU A 484 14.38 0.40 6.20
CA LEU A 484 13.27 -0.52 6.34
C LEU A 484 13.00 -1.22 5.01
N ASP A 485 13.40 -0.57 3.93
CA ASP A 485 13.17 -1.12 2.59
C ASP A 485 13.85 -2.46 2.29
N ASN A 486 14.92 -2.77 3.00
CA ASN A 486 15.64 -4.02 2.74
C ASN A 486 15.50 -5.02 3.89
N LYS A 487 14.43 -4.87 4.68
CA LYS A 487 14.21 -5.74 5.81
C LYS A 487 12.78 -6.31 5.84
N PRO A 488 12.61 -7.48 6.50
CA PRO A 488 11.37 -8.26 6.69
C PRO A 488 10.07 -7.71 6.12
N GLY A 489 9.23 -7.17 6.98
CA GLY A 489 7.96 -6.65 6.52
C GLY A 489 8.08 -5.21 6.08
N TYR A 490 8.11 -5.00 4.76
CA TYR A 490 8.21 -3.64 4.23
C TYR A 490 7.37 -3.52 3.00
N VAL A 491 6.59 -2.46 2.93
CA VAL A 491 5.74 -2.26 1.78
C VAL A 491 5.68 -0.81 1.35
N ASN A 492 5.85 -0.59 0.06
CA ASN A 492 5.74 0.73 -0.55
C ASN A 492 4.38 0.75 -1.25
N THR A 493 3.48 1.61 -0.79
CA THR A 493 2.14 1.69 -1.37
C THR A 493 2.02 2.53 -2.65
N GLY A 494 3.05 3.33 -2.95
CA GLY A 494 3.01 4.17 -4.13
C GLY A 494 2.18 5.45 -3.99
N PHE A 495 1.39 5.53 -2.92
CA PHE A 495 0.57 6.72 -2.66
C PHE A 495 1.47 7.90 -2.26
N ILE A 496 1.25 9.05 -2.91
CA ILE A 496 2.02 10.27 -2.66
C ILE A 496 1.58 10.91 -1.37
N ASP A 497 2.54 11.39 -0.58
CA ASP A 497 2.19 12.01 0.70
C ASP A 497 1.00 12.97 0.59
N ALA A 498 1.14 14.00 -0.23
CA ALA A 498 0.07 15.01 -0.41
C ALA A 498 -1.30 14.41 -0.67
N GLU A 499 -1.37 13.46 -1.62
CA GLU A 499 -2.63 12.78 -1.97
C GLU A 499 -3.28 12.06 -0.78
N VAL A 500 -2.46 11.28 -0.07
CA VAL A 500 -2.95 10.56 1.11
C VAL A 500 -3.51 11.60 2.08
N LEU A 501 -2.78 12.71 2.25
CA LEU A 501 -3.21 13.77 3.14
C LEU A 501 -4.49 14.43 2.64
N LYS A 502 -4.56 14.73 1.35
CA LYS A 502 -5.77 15.34 0.83
C LYS A 502 -6.95 14.41 1.16
N ALA A 503 -6.92 13.19 0.60
CA ALA A 503 -7.98 12.22 0.84
C ALA A 503 -8.39 12.20 2.30
N TYR A 504 -7.44 11.95 3.18
CA TYR A 504 -7.73 11.88 4.61
C TYR A 504 -8.47 13.11 5.16
N ILE A 505 -8.15 14.31 4.68
CA ILE A 505 -8.83 15.50 5.17
C ILE A 505 -10.22 15.67 4.50
N GLN A 506 -10.34 15.24 3.25
CA GLN A 506 -11.63 15.36 2.58
C GLN A 506 -12.67 14.54 3.36
N LYS A 507 -12.33 13.29 3.68
CA LYS A 507 -13.25 12.43 4.41
C LYS A 507 -13.37 12.77 5.89
N SER A 508 -12.30 13.25 6.52
CA SER A 508 -12.32 13.58 7.94
C SER A 508 -12.84 14.99 8.26
N SER A 509 -13.22 15.75 7.25
CA SER A 509 -13.68 17.12 7.47
C SER A 509 -15.10 17.18 8.02
N PRO A 510 -15.38 18.13 8.93
CA PRO A 510 -14.56 19.18 9.55
C PRO A 510 -13.47 18.68 10.50
N LEU A 511 -12.29 19.29 10.40
CA LEU A 511 -11.18 18.91 11.26
C LEU A 511 -11.33 19.55 12.62
N ASP A 512 -11.11 18.75 13.66
CA ASP A 512 -11.22 19.20 15.05
C ASP A 512 -9.82 19.17 15.67
N VAL A 513 -9.11 20.29 15.56
CA VAL A 513 -7.75 20.41 16.09
C VAL A 513 -7.48 19.74 17.44
N SER A 514 -8.45 19.77 18.35
CA SER A 514 -8.28 19.18 19.67
C SER A 514 -7.96 17.68 19.65
N VAL A 515 -8.42 17.02 18.59
CA VAL A 515 -8.21 15.59 18.38
C VAL A 515 -6.75 15.27 18.09
N TYR A 516 -6.05 16.25 17.54
CA TYR A 516 -4.65 16.06 17.16
C TYR A 516 -3.63 16.73 18.07
N GLU A 517 -4.06 17.16 19.24
CA GLU A 517 -3.14 17.85 20.17
C GLU A 517 -2.25 16.94 21.00
N PRO A 518 -0.92 17.05 20.80
CA PRO A 518 0.00 16.20 21.57
C PRO A 518 -0.15 16.47 23.07
N LYS A 519 -0.03 15.43 23.88
CA LYS A 519 -0.17 15.56 25.32
C LYS A 519 1.08 15.19 26.10
N GLY A 520 2.17 14.91 25.39
CA GLY A 520 3.42 14.56 26.04
C GLY A 520 3.79 13.09 26.13
N GLU A 521 3.05 12.23 25.42
CA GLU A 521 3.31 10.79 25.43
C GLU A 521 4.76 10.48 25.07
N VAL A 522 5.39 11.40 24.34
CA VAL A 522 6.79 11.27 23.93
C VAL A 522 7.52 12.34 24.72
N SER A 523 8.63 11.99 25.37
CA SER A 523 9.33 12.99 26.18
C SER A 523 10.86 12.95 26.32
N TRP A 524 11.45 11.77 26.41
CA TRP A 524 12.91 11.63 26.56
C TRP A 524 13.42 12.02 27.95
N GLN A 525 14.27 13.05 27.99
CA GLN A 525 14.87 13.57 29.23
C GLN A 525 16.14 12.81 29.65
N TYR B 1 -10.17 -62.81 3.55
CA TYR B 1 -11.39 -62.89 4.38
C TYR B 1 -11.69 -64.33 4.69
N GLU B 2 -12.46 -64.56 5.75
CA GLU B 2 -12.81 -65.91 6.13
C GLU B 2 -13.98 -66.40 5.32
N GLN B 3 -13.84 -67.63 4.83
CA GLN B 3 -14.83 -68.25 4.02
C GLN B 3 -16.20 -68.43 4.70
N ASP B 4 -17.26 -68.00 4.01
CA ASP B 4 -18.65 -68.12 4.49
C ASP B 4 -19.06 -67.27 5.69
N LYS B 5 -18.22 -66.31 6.06
CA LYS B 5 -18.48 -65.44 7.19
C LYS B 5 -19.10 -64.13 6.68
N THR B 6 -20.21 -63.72 7.26
CA THR B 6 -20.81 -62.48 6.81
C THR B 6 -20.22 -61.34 7.62
N TYR B 7 -19.63 -60.36 6.94
CA TYR B 7 -19.07 -59.22 7.65
C TYR B 7 -20.01 -58.00 7.56
N LYS B 8 -20.27 -57.37 8.70
CA LYS B 8 -21.11 -56.17 8.76
C LYS B 8 -20.24 -54.92 8.79
N ILE B 9 -20.38 -54.10 7.77
CA ILE B 9 -19.53 -52.93 7.70
C ILE B 9 -20.32 -51.69 7.46
N THR B 10 -20.17 -50.73 8.36
CA THR B 10 -20.86 -49.45 8.18
C THR B 10 -19.86 -48.34 7.85
N VAL B 11 -20.10 -47.67 6.74
CA VAL B 11 -19.28 -46.54 6.27
C VAL B 11 -20.08 -45.23 6.53
N LEU B 12 -19.49 -44.35 7.34
CA LEU B 12 -20.07 -43.05 7.70
C LEU B 12 -19.32 -42.00 6.89
N HIS B 13 -20.01 -40.95 6.44
CA HIS B 13 -19.33 -39.96 5.66
C HIS B 13 -19.96 -38.58 5.65
N THR B 14 -19.12 -37.57 5.44
CA THR B 14 -19.52 -36.16 5.37
C THR B 14 -18.59 -35.59 4.31
N ASN B 15 -18.86 -34.37 3.92
CA ASN B 15 -18.03 -33.72 2.93
C ASN B 15 -18.33 -32.23 2.92
N ASP B 16 -17.40 -31.47 2.36
CA ASP B 16 -17.55 -30.04 2.28
C ASP B 16 -18.03 -29.40 3.54
N HIS B 17 -17.33 -29.75 4.61
CA HIS B 17 -17.59 -29.24 5.95
C HIS B 17 -17.50 -27.68 6.00
N HIS B 18 -16.53 -27.11 5.26
CA HIS B 18 -16.31 -25.65 5.18
C HIS B 18 -16.37 -24.82 6.45
N GLY B 19 -15.60 -25.24 7.44
CA GLY B 19 -15.51 -24.51 8.69
C GLY B 19 -16.72 -24.46 9.61
N HIS B 20 -17.70 -25.34 9.38
CA HIS B 20 -18.86 -25.30 10.25
C HIS B 20 -18.71 -26.17 11.47
N PHE B 21 -17.70 -25.89 12.29
CA PHE B 21 -17.49 -26.69 13.49
C PHE B 21 -18.59 -26.42 14.50
N TRP B 22 -19.13 -25.19 14.50
CA TRP B 22 -20.18 -24.79 15.45
C TRP B 22 -21.60 -24.89 14.82
N ARG B 23 -22.61 -25.14 15.65
CA ARG B 23 -23.98 -25.19 15.13
C ARG B 23 -24.33 -23.79 14.57
N ASN B 24 -25.33 -23.73 13.67
CA ASN B 24 -25.74 -22.46 13.11
C ASN B 24 -26.77 -21.76 14.02
N GLU B 25 -27.22 -20.58 13.61
CA GLU B 25 -28.16 -19.79 14.40
C GLU B 25 -29.50 -20.46 14.73
N TYR B 26 -29.89 -21.46 13.95
CA TYR B 26 -31.12 -22.16 14.21
C TYR B 26 -30.88 -23.52 14.85
N GLY B 27 -29.74 -23.65 15.51
CA GLY B 27 -29.37 -24.87 16.19
C GLY B 27 -29.07 -26.06 15.27
N GLU B 28 -28.87 -25.78 13.99
CA GLU B 28 -28.58 -26.85 13.04
C GLU B 28 -27.11 -27.25 13.00
N TYR B 29 -26.88 -28.51 12.67
CA TYR B 29 -25.56 -29.11 12.55
C TYR B 29 -24.54 -28.81 13.63
N GLY B 30 -23.29 -28.60 13.21
CA GLY B 30 -22.26 -28.41 14.20
C GLY B 30 -21.59 -29.75 14.43
N LEU B 31 -20.34 -29.70 14.82
CA LEU B 31 -19.60 -30.92 15.06
C LEU B 31 -19.99 -31.63 16.36
N ALA B 32 -20.57 -30.91 17.31
CA ALA B 32 -20.93 -31.50 18.61
C ALA B 32 -22.10 -32.47 18.49
N ALA B 33 -23.08 -32.08 17.68
CA ALA B 33 -24.24 -32.95 17.41
C ALA B 33 -23.67 -34.13 16.62
N GLN B 34 -22.73 -33.85 15.72
CA GLN B 34 -22.12 -34.88 14.86
C GLN B 34 -21.47 -35.97 15.70
N LYS B 35 -20.67 -35.53 16.65
CA LYS B 35 -20.01 -36.44 17.57
C LYS B 35 -21.06 -37.36 18.24
N THR B 36 -22.07 -36.77 18.86
CA THR B 36 -23.14 -37.54 19.53
C THR B 36 -23.66 -38.58 18.52
N LEU B 37 -24.02 -38.10 17.33
CA LEU B 37 -24.56 -38.96 16.31
C LEU B 37 -23.63 -40.12 16.03
N VAL B 38 -22.39 -39.80 15.74
CA VAL B 38 -21.39 -40.80 15.39
C VAL B 38 -21.14 -41.80 16.51
N ASP B 39 -21.02 -41.25 17.73
CA ASP B 39 -20.79 -42.06 18.92
C ASP B 39 -21.91 -43.11 19.00
N GLY B 40 -23.14 -42.61 18.99
CA GLY B 40 -24.31 -43.48 19.04
C GLY B 40 -24.28 -44.57 17.99
N ILE B 41 -23.88 -44.23 16.75
CA ILE B 41 -23.83 -45.21 15.67
C ILE B 41 -22.73 -46.26 15.92
N ARG B 42 -21.56 -45.81 16.37
CA ARG B 42 -20.48 -46.76 16.65
C ARG B 42 -20.99 -47.80 17.66
N LYS B 43 -21.59 -47.32 18.75
CA LYS B 43 -22.13 -48.20 19.78
C LYS B 43 -23.12 -49.22 19.17
N GLU B 44 -24.07 -48.71 18.37
CA GLU B 44 -25.03 -49.60 17.72
C GLU B 44 -24.32 -50.63 16.82
N VAL B 45 -23.34 -50.19 16.04
CA VAL B 45 -22.64 -51.12 15.17
C VAL B 45 -21.76 -52.13 15.91
N ALA B 46 -21.01 -51.65 16.91
CA ALA B 46 -20.17 -52.57 17.69
C ALA B 46 -21.10 -53.57 18.36
N ALA B 47 -22.32 -53.13 18.67
CA ALA B 47 -23.30 -54.00 19.31
C ALA B 47 -23.77 -55.12 18.37
N GLU B 48 -24.04 -54.81 17.10
CA GLU B 48 -24.49 -55.81 16.13
C GLU B 48 -23.31 -56.68 15.64
N GLY B 49 -22.10 -56.36 16.12
CA GLY B 49 -20.92 -57.11 15.71
C GLY B 49 -20.14 -56.57 14.50
N GLY B 50 -20.55 -55.43 13.97
CA GLY B 50 -19.92 -54.85 12.80
C GLY B 50 -18.68 -53.98 13.02
N SER B 51 -18.32 -53.25 11.97
CA SER B 51 -17.18 -52.33 11.95
C SER B 51 -17.67 -51.01 11.34
N VAL B 52 -16.98 -49.93 11.69
CA VAL B 52 -17.26 -48.59 11.23
C VAL B 52 -16.03 -47.92 10.61
N LEU B 53 -16.29 -47.15 9.55
CA LEU B 53 -15.27 -46.41 8.85
C LEU B 53 -15.90 -45.04 8.55
N LEU B 54 -15.23 -43.98 8.99
CA LEU B 54 -15.75 -42.66 8.79
C LEU B 54 -14.83 -41.88 7.88
N LEU B 55 -15.38 -41.48 6.73
CA LEU B 55 -14.60 -40.79 5.74
C LEU B 55 -15.13 -39.42 5.40
N SER B 56 -14.23 -38.58 4.95
CA SER B 56 -14.62 -37.23 4.60
C SER B 56 -14.20 -36.98 3.16
N GLY B 57 -15.00 -36.17 2.46
CA GLY B 57 -14.76 -35.82 1.06
C GLY B 57 -14.02 -34.50 0.90
N GLY B 58 -13.51 -33.96 1.99
CA GLY B 58 -12.72 -32.75 1.91
C GLY B 58 -13.43 -31.41 1.87
N ASP B 59 -12.64 -30.38 1.66
CA ASP B 59 -13.10 -29.00 1.65
C ASP B 59 -13.55 -28.65 3.04
N ILE B 60 -12.64 -28.88 3.98
CA ILE B 60 -12.90 -28.56 5.37
C ILE B 60 -12.68 -27.07 5.52
N ASN B 61 -11.68 -26.55 4.82
CA ASN B 61 -11.31 -25.13 4.87
C ASN B 61 -12.26 -24.16 4.15
N THR B 62 -12.36 -22.96 4.73
CA THR B 62 -13.10 -21.83 4.19
C THR B 62 -14.62 -21.84 4.17
N GLY B 63 -15.21 -20.87 4.86
CA GLY B 63 -16.66 -20.76 4.91
C GLY B 63 -17.24 -20.11 6.16
N VAL B 64 -16.53 -20.21 7.29
CA VAL B 64 -16.99 -19.61 8.54
C VAL B 64 -15.85 -18.82 9.20
N PRO B 65 -16.09 -17.52 9.45
CA PRO B 65 -15.07 -16.67 10.06
C PRO B 65 -14.37 -17.16 11.32
N GLU B 66 -15.10 -17.64 12.33
CA GLU B 66 -14.42 -18.14 13.52
C GLU B 66 -13.52 -19.31 13.14
N SER B 67 -13.80 -19.91 11.98
CA SER B 67 -12.97 -20.99 11.51
C SER B 67 -11.85 -20.52 10.60
N ASP B 68 -12.19 -19.57 9.73
CA ASP B 68 -11.23 -19.03 8.77
C ASP B 68 -10.05 -18.34 9.48
N LEU B 69 -10.35 -17.36 10.33
CA LEU B 69 -9.34 -16.63 11.07
C LEU B 69 -8.44 -17.54 11.91
N GLN B 70 -8.75 -18.84 11.99
CA GLN B 70 -7.91 -19.73 12.78
C GLN B 70 -7.41 -20.95 12.01
N ASP B 71 -7.39 -20.85 10.69
CA ASP B 71 -6.91 -21.93 9.86
C ASP B 71 -7.68 -23.26 10.06
N ALA B 72 -8.93 -23.19 10.50
CA ALA B 72 -9.73 -24.40 10.70
C ALA B 72 -9.21 -25.33 11.80
N GLU B 73 -8.46 -24.79 12.76
CA GLU B 73 -7.93 -25.65 13.82
C GLU B 73 -9.05 -26.37 14.56
N PRO B 74 -10.11 -25.65 14.97
CA PRO B 74 -11.22 -26.29 15.70
C PRO B 74 -11.91 -27.36 14.88
N ASP B 75 -11.94 -27.17 13.57
CA ASP B 75 -12.58 -28.12 12.71
C ASP B 75 -11.84 -29.42 12.65
N PHE B 76 -10.53 -29.37 12.41
CA PHE B 76 -9.76 -30.59 12.35
C PHE B 76 -9.64 -31.23 13.75
N ARG B 77 -9.65 -30.41 14.80
CA ARG B 77 -9.58 -30.97 16.16
C ARG B 77 -10.93 -31.64 16.39
N GLY B 78 -11.98 -30.95 15.95
CA GLY B 78 -13.32 -31.46 16.11
C GLY B 78 -13.40 -32.80 15.40
N MET B 79 -12.83 -32.86 14.19
CA MET B 79 -12.84 -34.07 13.38
C MET B 79 -12.11 -35.22 14.05
N ASN B 80 -11.09 -34.92 14.86
CA ASN B 80 -10.35 -35.97 15.59
C ASN B 80 -11.25 -36.58 16.66
N LEU B 81 -12.00 -35.73 17.33
CA LEU B 81 -12.90 -36.19 18.39
C LEU B 81 -14.07 -37.01 17.81
N VAL B 82 -14.50 -36.65 16.61
CA VAL B 82 -15.57 -37.43 16.00
C VAL B 82 -14.98 -38.78 15.60
N GLY B 83 -13.66 -38.80 15.35
CA GLY B 83 -13.04 -40.04 14.98
C GLY B 83 -12.92 -40.39 13.50
N TYR B 84 -12.68 -39.38 12.65
CA TYR B 84 -12.52 -39.65 11.22
C TYR B 84 -11.35 -40.59 10.94
N ASP B 85 -11.54 -41.47 9.96
CA ASP B 85 -10.49 -42.44 9.60
C ASP B 85 -9.63 -41.97 8.43
N ALA B 86 -10.18 -41.11 7.59
CA ALA B 86 -9.45 -40.61 6.44
C ALA B 86 -10.25 -39.56 5.71
N MET B 87 -9.54 -38.74 4.95
CA MET B 87 -10.16 -37.68 4.20
C MET B 87 -9.52 -37.44 2.85
N ALA B 88 -10.35 -37.18 1.84
CA ALA B 88 -9.86 -36.85 0.52
C ALA B 88 -9.53 -35.35 0.60
N ILE B 89 -8.39 -34.97 0.03
CA ILE B 89 -7.95 -33.56 0.01
C ILE B 89 -8.87 -32.75 -0.89
N GLY B 90 -9.33 -31.61 -0.37
CA GLY B 90 -10.24 -30.75 -1.14
C GLY B 90 -9.50 -29.53 -1.69
N ASN B 91 -9.98 -28.98 -2.81
CA ASN B 91 -9.32 -27.84 -3.43
C ASN B 91 -9.18 -26.69 -2.50
N HIS B 92 -10.11 -26.55 -1.55
CA HIS B 92 -10.06 -25.46 -0.58
C HIS B 92 -9.07 -25.72 0.51
N GLU B 93 -8.45 -26.89 0.48
CA GLU B 93 -7.43 -27.17 1.46
C GLU B 93 -6.22 -26.32 1.05
N PHE B 94 -6.27 -25.81 -0.19
CA PHE B 94 -5.20 -24.98 -0.73
C PHE B 94 -5.50 -23.48 -0.76
N ASP B 95 -6.48 -23.03 0.02
CA ASP B 95 -6.78 -21.60 0.06
C ASP B 95 -5.79 -20.90 0.98
N ASN B 96 -4.94 -21.71 1.62
CA ASN B 96 -3.94 -21.17 2.51
C ASN B 96 -2.58 -21.65 2.03
N PRO B 97 -1.51 -21.07 2.59
CA PRO B 97 -0.16 -21.48 2.20
C PRO B 97 0.03 -22.98 2.48
N LEU B 98 0.84 -23.61 1.66
CA LEU B 98 1.08 -25.01 1.86
C LEU B 98 1.46 -25.31 3.31
N THR B 99 2.20 -24.40 3.97
CA THR B 99 2.59 -24.65 5.36
C THR B 99 1.35 -24.85 6.23
N VAL B 100 0.31 -24.06 5.98
CA VAL B 100 -0.92 -24.18 6.73
C VAL B 100 -1.50 -25.60 6.57
N LEU B 101 -1.59 -26.08 5.32
CA LEU B 101 -2.10 -27.42 5.05
C LEU B 101 -1.28 -28.45 5.85
N ARG B 102 0.04 -28.30 5.87
CA ARG B 102 0.90 -29.23 6.61
C ARG B 102 0.57 -29.20 8.11
N GLN B 103 0.33 -28.01 8.63
CA GLN B 103 -0.02 -27.85 10.05
C GLN B 103 -1.41 -28.47 10.32
N GLN B 104 -2.26 -28.49 9.30
CA GLN B 104 -3.57 -29.08 9.47
C GLN B 104 -3.34 -30.61 9.55
N GLU B 105 -2.39 -31.14 8.79
CA GLU B 105 -2.08 -32.56 8.84
C GLU B 105 -1.61 -32.94 10.23
N LYS B 106 -0.87 -32.02 10.84
CA LYS B 106 -0.33 -32.23 12.18
C LYS B 106 -1.44 -32.37 13.21
N TRP B 107 -2.42 -31.48 13.14
CA TRP B 107 -3.55 -31.51 14.06
C TRP B 107 -4.41 -32.75 13.82
N ALA B 108 -4.59 -33.11 12.56
CA ALA B 108 -5.41 -34.28 12.18
C ALA B 108 -4.75 -35.62 12.47
N LYS B 109 -5.40 -36.43 13.32
CA LYS B 109 -4.86 -37.76 13.66
C LYS B 109 -5.24 -38.78 12.61
N PHE B 110 -5.89 -38.28 11.56
CA PHE B 110 -6.32 -39.10 10.44
C PHE B 110 -5.62 -38.51 9.23
N PRO B 111 -5.28 -39.36 8.25
CA PRO B 111 -4.59 -38.93 7.04
C PRO B 111 -5.38 -38.14 6.00
N LEU B 112 -4.75 -37.05 5.56
CA LEU B 112 -5.30 -36.19 4.53
C LEU B 112 -4.76 -36.81 3.26
N LEU B 113 -5.56 -37.66 2.62
CA LEU B 113 -5.15 -38.36 1.41
C LEU B 113 -5.41 -37.70 0.07
N SER B 114 -4.52 -37.99 -0.87
CA SER B 114 -4.60 -37.55 -2.27
C SER B 114 -3.41 -38.14 -3.05
N ALA B 115 -3.76 -38.99 -4.01
CA ALA B 115 -2.79 -39.68 -4.83
C ALA B 115 -2.39 -38.93 -6.11
N ASN B 116 -3.27 -38.06 -6.61
CA ASN B 116 -3.00 -37.31 -7.86
C ASN B 116 -2.34 -35.93 -7.72
N ILE B 117 -1.96 -35.55 -6.50
CA ILE B 117 -1.31 -34.25 -6.30
C ILE B 117 0.22 -34.38 -6.29
N TYR B 118 0.89 -33.74 -7.25
CA TYR B 118 2.36 -33.84 -7.38
C TYR B 118 3.12 -32.54 -7.33
N GLN B 119 4.37 -32.62 -6.90
CA GLN B 119 5.24 -31.44 -6.86
C GLN B 119 5.96 -31.50 -8.22
N LYS B 120 5.58 -30.59 -9.12
CA LYS B 120 6.15 -30.53 -10.47
C LYS B 120 7.65 -30.78 -10.51
N SER B 121 8.38 -30.14 -9.61
CA SER B 121 9.83 -30.26 -9.53
C SER B 121 10.31 -31.67 -9.27
N THR B 122 9.89 -32.23 -8.14
CA THR B 122 10.30 -33.58 -7.75
C THR B 122 9.56 -34.73 -8.46
N GLY B 123 8.45 -34.44 -9.12
CA GLY B 123 7.70 -35.48 -9.81
C GLY B 123 7.10 -36.54 -8.88
N GLU B 124 7.07 -36.23 -7.59
CA GLU B 124 6.51 -37.16 -6.60
C GLU B 124 5.24 -36.64 -5.93
N ARG B 125 4.42 -37.56 -5.43
CA ARG B 125 3.17 -37.19 -4.73
C ARG B 125 3.47 -36.30 -3.55
N LEU B 126 2.54 -35.38 -3.27
CA LEU B 126 2.71 -34.47 -2.15
C LEU B 126 1.99 -34.98 -0.90
N PHE B 127 1.28 -36.11 -1.03
CA PHE B 127 0.59 -36.70 0.12
C PHE B 127 0.50 -38.22 -0.09
N LYS B 128 0.04 -38.93 0.93
CA LYS B 128 -0.14 -40.39 0.83
C LYS B 128 -1.27 -40.58 -0.19
N PRO B 129 -1.17 -41.60 -1.06
CA PRO B 129 -2.19 -41.92 -2.08
C PRO B 129 -3.33 -42.79 -1.51
N TRP B 130 -3.09 -43.38 -0.33
CA TRP B 130 -4.10 -44.23 0.31
C TRP B 130 -3.77 -44.55 1.76
N ALA B 131 -4.76 -45.13 2.43
CA ALA B 131 -4.57 -45.55 3.81
C ALA B 131 -5.18 -46.96 3.83
N LEU B 132 -4.61 -47.83 4.65
CA LEU B 132 -5.13 -49.18 4.76
C LEU B 132 -5.72 -49.28 6.15
N PHE B 133 -6.83 -50.02 6.25
CA PHE B 133 -7.52 -50.21 7.51
C PHE B 133 -7.83 -51.66 7.77
N LYS B 134 -7.68 -52.03 9.03
CA LYS B 134 -7.98 -53.37 9.47
C LYS B 134 -9.31 -53.31 10.17
N ARG B 135 -10.19 -54.22 9.79
CA ARG B 135 -11.52 -54.32 10.41
C ARG B 135 -11.76 -55.81 10.43
N GLN B 136 -11.76 -56.36 11.63
CA GLN B 136 -11.89 -57.79 11.81
C GLN B 136 -10.71 -58.35 11.01
N ASP B 137 -10.87 -59.42 10.26
CA ASP B 137 -9.67 -59.86 9.53
C ASP B 137 -9.59 -59.31 8.11
N LEU B 138 -10.34 -58.25 7.84
CA LEU B 138 -10.37 -57.66 6.51
C LEU B 138 -9.33 -56.57 6.28
N LYS B 139 -8.85 -56.45 5.05
CA LYS B 139 -7.94 -55.36 4.79
C LYS B 139 -8.80 -54.44 3.90
N ILE B 140 -9.02 -53.22 4.36
CA ILE B 140 -9.81 -52.30 3.60
C ILE B 140 -8.94 -51.14 3.21
N ALA B 141 -8.90 -50.86 1.91
CA ALA B 141 -8.11 -49.77 1.39
C ALA B 141 -9.00 -48.58 1.03
N VAL B 142 -8.50 -47.40 1.37
CA VAL B 142 -9.16 -46.17 1.02
C VAL B 142 -8.19 -45.27 0.26
N ILE B 143 -8.56 -44.99 -0.99
CA ILE B 143 -7.77 -44.10 -1.83
C ILE B 143 -8.35 -42.68 -1.74
N GLY B 144 -7.48 -41.68 -1.96
CA GLY B 144 -7.90 -40.28 -1.97
C GLY B 144 -7.70 -39.74 -3.38
N LEU B 145 -8.47 -38.73 -3.77
CA LEU B 145 -8.38 -38.13 -5.10
C LEU B 145 -8.90 -36.69 -4.97
N THR B 146 -8.22 -35.73 -5.60
CA THR B 146 -8.61 -34.33 -5.52
C THR B 146 -8.82 -33.77 -6.92
N THR B 147 -9.92 -33.06 -7.13
CA THR B 147 -10.22 -32.51 -8.45
C THR B 147 -9.03 -31.78 -9.09
N ASP B 148 -8.83 -31.99 -10.38
CA ASP B 148 -7.74 -31.29 -11.05
C ASP B 148 -8.21 -29.92 -11.58
N ASP B 149 -9.16 -29.34 -10.85
CA ASP B 149 -9.69 -28.02 -11.17
C ASP B 149 -9.16 -27.12 -10.06
N THR B 150 -8.40 -27.72 -9.14
CA THR B 150 -7.87 -26.96 -8.02
C THR B 150 -6.98 -25.76 -8.42
N ALA B 151 -5.87 -26.02 -9.12
CA ALA B 151 -4.99 -24.93 -9.51
C ALA B 151 -5.73 -23.98 -10.45
N LYS B 152 -6.53 -24.56 -11.32
CA LYS B 152 -7.30 -23.82 -12.29
C LYS B 152 -8.19 -22.74 -11.70
N ILE B 153 -8.95 -23.08 -10.67
CA ILE B 153 -9.86 -22.10 -10.08
C ILE B 153 -9.24 -21.54 -8.80
N GLY B 154 -8.11 -22.10 -8.41
CA GLY B 154 -7.46 -21.66 -7.19
C GLY B 154 -6.52 -20.48 -7.34
N ASN B 155 -5.76 -20.26 -6.27
CA ASN B 155 -4.82 -19.15 -6.22
C ASN B 155 -3.45 -19.48 -6.81
N PRO B 156 -3.16 -18.94 -8.02
CA PRO B 156 -1.93 -19.10 -8.80
C PRO B 156 -0.62 -19.27 -8.03
N GLU B 157 -0.39 -18.42 -7.03
CA GLU B 157 0.84 -18.48 -6.24
C GLU B 157 1.08 -19.70 -5.34
N TYR B 158 0.13 -20.63 -5.30
CA TYR B 158 0.27 -21.84 -4.49
C TYR B 158 0.50 -23.06 -5.38
N PHE B 159 0.28 -22.91 -6.68
CA PHE B 159 0.44 -24.03 -7.60
C PHE B 159 1.61 -23.88 -8.57
N THR B 160 2.55 -23.03 -8.15
CA THR B 160 3.79 -22.72 -8.87
C THR B 160 4.56 -23.99 -9.22
N ASP B 161 4.73 -24.82 -8.18
CA ASP B 161 5.46 -26.08 -8.26
C ASP B 161 4.58 -27.23 -7.75
N ILE B 162 3.31 -27.20 -8.14
CA ILE B 162 2.34 -28.22 -7.74
C ILE B 162 1.36 -28.40 -8.87
N GLU B 163 1.22 -29.64 -9.35
CA GLU B 163 0.27 -29.93 -10.42
C GLU B 163 -0.77 -30.96 -9.98
N PHE B 164 -2.01 -30.77 -10.40
CA PHE B 164 -3.07 -31.72 -10.08
C PHE B 164 -3.30 -32.64 -11.30
N ARG B 165 -2.79 -33.86 -11.23
CA ARG B 165 -2.96 -34.80 -12.33
C ARG B 165 -4.40 -35.32 -12.30
N LYS B 166 -4.92 -35.75 -13.45
CA LYS B 166 -6.29 -36.26 -13.56
C LYS B 166 -6.55 -37.48 -12.66
N PRO B 167 -7.30 -37.32 -11.56
CA PRO B 167 -7.61 -38.42 -10.63
C PRO B 167 -8.14 -39.73 -11.22
N ALA B 168 -9.03 -39.64 -12.22
CA ALA B 168 -9.54 -40.88 -12.80
C ALA B 168 -8.31 -41.66 -13.29
N ASP B 169 -7.29 -40.92 -13.72
CA ASP B 169 -6.06 -41.58 -14.17
C ASP B 169 -5.22 -42.02 -12.96
N GLU B 170 -5.08 -41.17 -11.94
CA GLU B 170 -4.30 -41.57 -10.76
C GLU B 170 -4.99 -42.78 -10.15
N ALA B 171 -6.32 -42.79 -10.20
CA ALA B 171 -7.13 -43.88 -9.64
C ALA B 171 -6.83 -45.22 -10.31
N LYS B 172 -6.76 -45.22 -11.62
CA LYS B 172 -6.48 -46.48 -12.29
C LYS B 172 -5.11 -46.99 -11.82
N LEU B 173 -4.13 -46.09 -11.78
CA LEU B 173 -2.76 -46.44 -11.37
C LEU B 173 -2.71 -46.99 -9.94
N VAL B 174 -3.40 -46.31 -9.02
CA VAL B 174 -3.41 -46.71 -7.61
C VAL B 174 -4.19 -47.99 -7.29
N ILE B 175 -5.26 -48.25 -8.03
CA ILE B 175 -6.03 -49.46 -7.78
C ILE B 175 -5.22 -50.69 -8.15
N GLN B 176 -4.47 -50.61 -9.25
CA GLN B 176 -3.64 -51.72 -9.68
C GLN B 176 -2.54 -51.92 -8.64
N GLU B 177 -1.90 -50.82 -8.25
CA GLU B 177 -0.88 -50.89 -7.21
C GLU B 177 -1.39 -51.73 -6.00
N LEU B 178 -2.50 -51.29 -5.41
CA LEU B 178 -3.14 -51.97 -4.26
C LEU B 178 -3.50 -53.43 -4.54
N GLN B 179 -4.15 -53.67 -5.65
CA GLN B 179 -4.52 -55.03 -5.97
C GLN B 179 -3.32 -55.97 -6.06
N GLN B 180 -2.17 -55.44 -6.47
CA GLN B 180 -0.98 -56.28 -6.60
C GLN B 180 -0.08 -56.20 -5.39
N THR B 181 -0.03 -55.05 -4.76
CA THR B 181 0.83 -54.86 -3.61
C THR B 181 0.21 -55.20 -2.26
N GLU B 182 -1.08 -54.95 -2.11
CA GLU B 182 -1.75 -55.17 -0.83
C GLU B 182 -2.89 -56.17 -0.83
N LYS B 183 -3.46 -56.47 -1.99
CA LYS B 183 -4.55 -57.43 -2.09
C LYS B 183 -5.64 -57.16 -1.04
N PRO B 184 -6.07 -55.90 -0.92
CA PRO B 184 -7.11 -55.59 0.07
C PRO B 184 -8.41 -56.30 -0.24
N ASP B 185 -9.23 -56.51 0.77
CA ASP B 185 -10.51 -57.18 0.55
C ASP B 185 -11.49 -56.20 -0.05
N ILE B 186 -11.33 -54.92 0.31
CA ILE B 186 -12.25 -53.88 -0.13
C ILE B 186 -11.51 -52.60 -0.42
N ILE B 187 -11.92 -51.93 -1.49
CA ILE B 187 -11.29 -50.67 -1.81
C ILE B 187 -12.39 -49.65 -1.89
N ILE B 188 -12.11 -48.48 -1.33
CA ILE B 188 -13.07 -47.39 -1.35
C ILE B 188 -12.28 -46.19 -1.70
N ALA B 189 -12.88 -45.32 -2.51
CA ALA B 189 -12.17 -44.10 -2.85
C ALA B 189 -12.90 -42.95 -2.20
N ALA B 190 -12.13 -42.06 -1.57
CA ALA B 190 -12.70 -40.88 -0.96
C ALA B 190 -12.29 -39.83 -1.97
N THR B 191 -13.26 -39.03 -2.41
CA THR B 191 -12.96 -38.04 -3.44
C THR B 191 -13.56 -36.63 -3.26
N HIS B 192 -12.86 -35.64 -3.83
CA HIS B 192 -13.33 -34.25 -3.84
C HIS B 192 -13.35 -33.90 -5.35
N MET B 193 -14.20 -34.64 -6.05
CA MET B 193 -14.31 -34.54 -7.47
C MET B 193 -15.65 -34.04 -7.97
N GLY B 194 -16.72 -34.41 -7.28
CA GLY B 194 -18.05 -33.95 -7.67
C GLY B 194 -18.91 -34.97 -8.38
N HIS B 195 -20.21 -34.91 -8.09
CA HIS B 195 -21.17 -35.81 -8.73
C HIS B 195 -21.97 -35.00 -9.77
N TYR B 196 -21.94 -35.46 -11.01
CA TYR B 196 -22.63 -34.74 -12.07
C TYR B 196 -23.58 -35.69 -12.78
N ASP B 197 -24.87 -35.33 -12.78
CA ASP B 197 -25.89 -36.18 -13.41
C ASP B 197 -25.40 -36.73 -14.73
N ASN B 198 -25.32 -38.05 -14.78
CA ASN B 198 -24.86 -38.75 -15.94
C ASN B 198 -23.43 -38.34 -16.42
N GLY B 199 -22.62 -37.82 -15.50
CA GLY B 199 -21.26 -37.42 -15.85
C GLY B 199 -21.21 -36.17 -16.72
N GLU B 200 -22.34 -35.47 -16.79
CA GLU B 200 -22.40 -34.27 -17.59
C GLU B 200 -21.84 -33.16 -16.72
N HIS B 201 -20.52 -33.13 -16.65
CA HIS B 201 -19.81 -32.16 -15.82
C HIS B 201 -19.65 -30.81 -16.48
N GLY B 202 -20.09 -30.72 -17.74
CA GLY B 202 -20.00 -29.48 -18.48
C GLY B 202 -18.64 -28.87 -18.26
N SER B 203 -18.64 -27.57 -17.92
CA SER B 203 -17.43 -26.81 -17.67
C SER B 203 -16.55 -27.29 -16.51
N ASN B 204 -17.12 -28.09 -15.61
CA ASN B 204 -16.34 -28.59 -14.46
C ASN B 204 -15.40 -29.71 -14.86
N ALA B 205 -14.36 -29.95 -14.05
CA ALA B 205 -13.44 -31.06 -14.34
C ALA B 205 -14.25 -32.36 -14.21
N PRO B 206 -13.92 -33.40 -15.01
CA PRO B 206 -14.66 -34.66 -14.89
C PRO B 206 -14.66 -35.07 -13.41
N GLY B 207 -15.74 -35.71 -12.97
CA GLY B 207 -15.83 -36.08 -11.57
C GLY B 207 -16.10 -37.55 -11.35
N ASP B 208 -16.70 -37.85 -10.20
CA ASP B 208 -17.02 -39.23 -9.79
C ASP B 208 -17.73 -40.15 -10.77
N VAL B 209 -18.77 -39.67 -11.46
CA VAL B 209 -19.46 -40.57 -12.39
C VAL B 209 -18.60 -41.02 -13.57
N GLU B 210 -17.96 -40.04 -14.23
CA GLU B 210 -17.13 -40.36 -15.40
C GLU B 210 -16.02 -41.32 -14.94
N MET B 211 -15.38 -41.01 -13.81
CA MET B 211 -14.32 -41.88 -13.30
C MET B 211 -14.85 -43.28 -13.02
N ALA B 212 -16.00 -43.38 -12.36
CA ALA B 212 -16.56 -44.70 -12.04
C ALA B 212 -16.77 -45.53 -13.29
N ARG B 213 -17.26 -44.91 -14.36
CA ARG B 213 -17.50 -45.61 -15.61
C ARG B 213 -16.22 -46.00 -16.34
N ALA B 214 -15.11 -45.33 -16.00
CA ALA B 214 -13.85 -45.57 -16.67
C ALA B 214 -13.01 -46.65 -15.96
N LEU B 215 -12.94 -46.60 -14.64
CA LEU B 215 -12.18 -47.63 -13.92
C LEU B 215 -12.79 -49.00 -14.27
N PRO B 216 -12.08 -50.10 -13.94
CA PRO B 216 -12.53 -51.48 -14.19
C PRO B 216 -13.83 -51.75 -13.41
N ALA B 217 -14.75 -52.48 -14.01
CA ALA B 217 -16.04 -52.79 -13.39
C ALA B 217 -15.94 -53.27 -11.96
N GLY B 218 -16.63 -52.54 -11.07
CA GLY B 218 -16.64 -52.88 -9.66
C GLY B 218 -15.26 -52.90 -9.03
N SER B 219 -14.34 -52.07 -9.52
CA SER B 219 -13.01 -52.05 -8.95
C SER B 219 -12.95 -51.33 -7.57
N LEU B 220 -13.96 -50.49 -7.30
CA LEU B 220 -14.10 -49.77 -6.01
C LEU B 220 -15.45 -50.24 -5.47
N ALA B 221 -15.56 -50.42 -4.16
CA ALA B 221 -16.85 -50.82 -3.66
C ALA B 221 -17.73 -49.55 -3.70
N MET B 222 -17.12 -48.39 -3.50
CA MET B 222 -17.89 -47.14 -3.48
C MET B 222 -17.00 -45.94 -3.53
N ILE B 223 -17.59 -44.82 -3.96
CA ILE B 223 -16.88 -43.58 -4.04
C ILE B 223 -17.60 -42.65 -3.06
N VAL B 224 -16.85 -42.14 -2.10
CA VAL B 224 -17.37 -41.21 -1.10
C VAL B 224 -16.93 -39.87 -1.57
N GLY B 225 -17.86 -39.14 -2.20
CA GLY B 225 -17.51 -37.85 -2.76
C GLY B 225 -17.80 -36.54 -2.07
N GLY B 226 -17.77 -35.50 -2.90
CA GLY B 226 -18.01 -34.16 -2.43
C GLY B 226 -17.70 -33.22 -3.56
N HIS B 227 -17.29 -32.02 -3.17
CA HIS B 227 -16.91 -30.94 -4.08
C HIS B 227 -18.10 -30.26 -4.76
N SER B 228 -18.98 -31.05 -5.37
CA SER B 228 -20.12 -30.45 -6.05
C SER B 228 -21.16 -30.02 -5.00
N GLN B 229 -20.97 -30.52 -3.78
CA GLN B 229 -21.84 -30.21 -2.65
C GLN B 229 -23.31 -30.50 -2.88
N ASP B 230 -23.60 -31.80 -3.02
CA ASP B 230 -24.96 -32.31 -3.25
C ASP B 230 -25.25 -33.51 -2.40
N PRO B 231 -26.52 -33.68 -2.01
CA PRO B 231 -26.80 -34.90 -1.25
C PRO B 231 -26.98 -35.81 -2.46
N VAL B 232 -26.13 -36.82 -2.67
CA VAL B 232 -26.34 -37.69 -3.83
C VAL B 232 -27.44 -38.74 -3.52
N CYS B 233 -28.65 -38.41 -3.96
CA CYS B 233 -29.88 -39.22 -3.79
C CYS B 233 -30.59 -39.18 -5.14
N MET B 234 -30.63 -40.32 -5.83
CA MET B 234 -31.21 -40.37 -7.17
C MET B 234 -32.74 -40.35 -7.28
N ALA B 235 -33.24 -39.47 -8.14
CA ALA B 235 -34.67 -39.38 -8.38
C ALA B 235 -34.97 -40.51 -9.38
N ALA B 236 -33.94 -40.87 -10.13
CA ALA B 236 -34.04 -41.92 -11.13
C ALA B 236 -32.62 -42.12 -11.64
N GLU B 237 -32.41 -43.17 -12.43
CA GLU B 237 -31.09 -43.45 -12.98
C GLU B 237 -30.49 -42.20 -13.67
N ASN B 238 -29.27 -41.86 -13.27
CA ASN B 238 -28.50 -40.72 -13.78
C ASN B 238 -29.02 -39.32 -13.49
N LYS B 239 -30.04 -39.20 -12.64
CA LYS B 239 -30.56 -37.88 -12.30
C LYS B 239 -30.76 -37.69 -10.79
N LYS B 240 -29.99 -36.80 -10.19
CA LYS B 240 -30.11 -36.51 -8.77
C LYS B 240 -31.45 -35.83 -8.49
N GLN B 241 -32.05 -36.12 -7.34
CA GLN B 241 -33.27 -35.42 -6.98
C GLN B 241 -32.92 -33.93 -6.89
N VAL B 242 -33.87 -33.06 -7.23
CA VAL B 242 -33.67 -31.63 -7.10
C VAL B 242 -34.48 -31.39 -5.80
N ASP B 243 -33.94 -30.58 -4.90
CA ASP B 243 -34.59 -30.26 -3.62
C ASP B 243 -34.85 -31.51 -2.78
N TYR B 244 -33.81 -32.28 -2.57
CA TYR B 244 -33.94 -33.43 -1.76
C TYR B 244 -34.34 -32.96 -0.37
N VAL B 245 -35.25 -33.67 0.24
CA VAL B 245 -35.73 -33.27 1.54
C VAL B 245 -35.17 -34.10 2.68
N PRO B 246 -34.62 -33.43 3.71
CA PRO B 246 -34.05 -34.11 4.87
C PRO B 246 -35.03 -35.16 5.43
N GLY B 247 -34.51 -36.28 5.88
CA GLY B 247 -35.35 -37.29 6.47
C GLY B 247 -36.10 -38.23 5.54
N THR B 248 -35.98 -37.98 4.25
CA THR B 248 -36.65 -38.82 3.27
C THR B 248 -35.65 -39.84 2.70
N PRO B 249 -36.13 -40.84 1.95
CA PRO B 249 -35.20 -41.82 1.39
C PRO B 249 -34.21 -41.26 0.39
N CYS B 250 -32.98 -41.74 0.47
CA CYS B 250 -31.91 -41.31 -0.44
C CYS B 250 -31.32 -42.55 -1.12
N LYS B 251 -31.50 -42.65 -2.41
CA LYS B 251 -30.93 -43.78 -3.14
C LYS B 251 -29.58 -43.32 -3.72
N PRO B 252 -28.47 -43.90 -3.23
CA PRO B 252 -27.22 -43.43 -3.81
C PRO B 252 -27.06 -43.87 -5.28
N ASP B 253 -26.14 -43.22 -5.97
CA ASP B 253 -25.88 -43.54 -7.36
C ASP B 253 -24.98 -44.78 -7.43
N GLN B 254 -25.11 -45.57 -8.49
CA GLN B 254 -24.24 -46.73 -8.70
C GLN B 254 -23.90 -46.67 -10.19
N GLN B 255 -22.63 -46.49 -10.51
CA GLN B 255 -22.13 -46.37 -11.88
C GLN B 255 -21.08 -47.43 -12.12
N ASN B 256 -21.36 -48.32 -13.07
CA ASN B 256 -20.43 -49.39 -13.40
C ASN B 256 -20.12 -50.26 -12.15
N GLY B 257 -21.18 -50.65 -11.42
CA GLY B 257 -21.01 -51.50 -10.24
C GLY B 257 -20.38 -50.81 -9.03
N ILE B 258 -20.20 -49.50 -9.12
CA ILE B 258 -19.59 -48.75 -8.04
C ILE B 258 -20.57 -47.75 -7.43
N TRP B 259 -20.78 -47.82 -6.11
CA TRP B 259 -21.69 -46.86 -5.44
C TRP B 259 -21.02 -45.48 -5.35
N ILE B 260 -21.82 -44.43 -5.56
CA ILE B 260 -21.30 -43.07 -5.48
C ILE B 260 -22.22 -42.32 -4.52
N VAL B 261 -21.63 -41.77 -3.47
CA VAL B 261 -22.36 -41.05 -2.45
C VAL B 261 -21.76 -39.70 -2.13
N GLN B 262 -22.58 -38.84 -1.52
CA GLN B 262 -22.18 -37.50 -1.12
C GLN B 262 -23.22 -37.03 -0.10
N ALA B 263 -22.75 -36.42 0.98
CA ALA B 263 -23.64 -36.01 2.07
C ALA B 263 -23.87 -34.49 2.16
N HIS B 264 -24.04 -33.89 0.99
CA HIS B 264 -24.29 -32.45 0.79
C HIS B 264 -23.22 -31.46 1.28
N GLU B 265 -23.32 -30.99 2.51
CA GLU B 265 -22.35 -30.03 2.98
C GLU B 265 -22.50 -29.60 4.44
N TRP B 266 -21.51 -28.85 4.92
CA TRP B 266 -21.54 -28.23 6.25
C TRP B 266 -21.90 -29.04 7.47
N GLY B 267 -21.67 -30.34 7.42
CA GLY B 267 -22.02 -31.20 8.53
C GLY B 267 -23.52 -31.35 8.68
N LYS B 268 -24.27 -31.07 7.62
CA LYS B 268 -25.72 -31.18 7.65
C LYS B 268 -26.21 -32.63 7.79
N TYR B 269 -25.43 -33.58 7.27
CA TYR B 269 -25.77 -34.98 7.35
C TYR B 269 -24.52 -35.78 7.58
N VAL B 270 -24.74 -37.00 8.03
CA VAL B 270 -23.67 -37.97 8.19
C VAL B 270 -24.28 -39.02 7.32
N GLY B 271 -23.66 -39.31 6.20
CA GLY B 271 -24.23 -40.34 5.36
C GLY B 271 -23.93 -41.69 5.97
N ARG B 272 -24.83 -42.65 5.82
CA ARG B 272 -24.59 -43.94 6.36
C ARG B 272 -24.82 -45.06 5.35
N ALA B 273 -23.75 -45.78 5.05
CA ALA B 273 -23.86 -46.89 4.11
C ALA B 273 -23.60 -48.15 4.91
N ASP B 274 -24.63 -48.98 4.99
CA ASP B 274 -24.52 -50.23 5.70
C ASP B 274 -24.31 -51.33 4.67
N PHE B 275 -23.14 -51.94 4.75
CA PHE B 275 -22.78 -53.01 3.85
C PHE B 275 -22.73 -54.36 4.58
N GLU B 276 -22.91 -55.43 3.81
CA GLU B 276 -22.74 -56.79 4.31
C GLU B 276 -21.80 -57.36 3.24
N PHE B 277 -20.75 -58.00 3.71
CA PHE B 277 -19.70 -58.59 2.87
C PHE B 277 -19.63 -60.06 3.17
N ARG B 278 -19.79 -60.90 2.14
CA ARG B 278 -19.69 -62.35 2.32
C ARG B 278 -19.16 -62.96 1.06
N ASN B 279 -18.14 -63.79 1.23
CA ASN B 279 -17.52 -64.48 0.13
C ASN B 279 -17.35 -63.57 -1.05
N GLY B 280 -16.72 -62.41 -0.82
CA GLY B 280 -16.46 -61.47 -1.89
C GLY B 280 -17.59 -60.63 -2.47
N GLU B 281 -18.84 -60.96 -2.17
CA GLU B 281 -19.92 -60.13 -2.69
C GLU B 281 -20.23 -59.07 -1.63
N MET B 282 -20.33 -57.83 -2.09
CA MET B 282 -20.60 -56.71 -1.19
C MET B 282 -22.05 -56.33 -1.33
N LYS B 283 -22.77 -56.27 -0.21
CA LYS B 283 -24.17 -55.89 -0.23
C LYS B 283 -24.55 -54.65 0.57
N MET B 284 -24.97 -53.61 -0.13
CA MET B 284 -25.42 -52.35 0.48
C MET B 284 -26.81 -52.71 1.03
N VAL B 285 -26.93 -53.13 2.29
CA VAL B 285 -28.24 -53.52 2.82
C VAL B 285 -29.10 -52.34 3.22
N ASN B 286 -28.48 -51.19 3.38
CA ASN B 286 -29.22 -49.98 3.71
C ASN B 286 -28.39 -48.73 3.38
N TYR B 287 -29.08 -47.66 3.02
CA TYR B 287 -28.38 -46.40 2.79
C TYR B 287 -29.27 -45.24 3.16
N GLN B 288 -28.66 -44.25 3.79
CA GLN B 288 -29.40 -43.07 4.19
C GLN B 288 -28.49 -41.90 4.44
N LEU B 289 -29.12 -40.74 4.58
CA LEU B 289 -28.41 -39.51 4.88
C LEU B 289 -29.10 -39.16 6.18
N ILE B 290 -28.35 -39.13 7.29
CA ILE B 290 -28.93 -38.80 8.59
C ILE B 290 -28.83 -37.28 8.83
N PRO B 291 -29.97 -36.59 9.01
CA PRO B 291 -29.90 -35.13 9.25
C PRO B 291 -29.24 -34.85 10.63
N VAL B 292 -28.43 -33.82 10.74
CA VAL B 292 -27.82 -33.50 12.03
C VAL B 292 -28.57 -32.27 12.53
N ASN B 293 -29.77 -32.48 13.08
CA ASN B 293 -30.58 -31.39 13.60
C ASN B 293 -31.02 -30.41 12.55
N LEU B 294 -31.34 -30.91 11.36
CA LEU B 294 -31.81 -30.04 10.30
C LEU B 294 -33.29 -29.66 10.60
N LYS B 295 -33.67 -28.42 10.32
CA LYS B 295 -35.05 -28.00 10.62
C LYS B 295 -35.84 -27.48 9.44
N LYS B 296 -37.16 -27.69 9.48
CA LYS B 296 -38.01 -27.15 8.42
C LYS B 296 -38.78 -25.94 8.93
N LYS B 297 -39.29 -25.12 8.00
CA LYS B 297 -40.06 -23.93 8.38
C LYS B 297 -41.53 -24.27 8.46
N VAL B 298 -42.13 -24.04 9.61
CA VAL B 298 -43.56 -24.30 9.72
C VAL B 298 -44.18 -22.92 9.73
N THR B 299 -45.24 -22.73 8.97
CA THR B 299 -45.89 -21.44 8.94
C THR B 299 -47.35 -21.53 9.28
N TRP B 300 -47.73 -20.89 10.38
CA TRP B 300 -49.10 -20.90 10.85
C TRP B 300 -49.99 -19.92 10.11
N GLU B 301 -51.29 -20.19 10.11
CA GLU B 301 -52.24 -19.36 9.38
C GLU B 301 -52.09 -17.86 9.67
N ASP B 302 -51.70 -17.48 10.88
CA ASP B 302 -51.53 -16.06 11.16
C ASP B 302 -50.20 -15.63 10.53
N GLY B 303 -49.63 -16.52 9.71
CA GLY B 303 -48.38 -16.19 9.05
C GLY B 303 -47.11 -16.29 9.87
N LYS B 304 -47.22 -16.68 11.13
CA LYS B 304 -46.00 -16.78 11.90
C LYS B 304 -45.32 -18.08 11.49
N SER B 305 -44.01 -18.15 11.62
CA SER B 305 -43.30 -19.37 11.25
C SER B 305 -42.30 -19.77 12.33
N GLU B 306 -41.99 -21.06 12.38
CA GLU B 306 -41.07 -21.62 13.37
C GLU B 306 -40.19 -22.67 12.71
N ARG B 307 -39.10 -23.03 13.36
CA ARG B 307 -38.22 -24.06 12.80
C ARG B 307 -38.41 -25.35 13.57
N VAL B 308 -38.84 -26.40 12.86
CA VAL B 308 -39.09 -27.69 13.50
C VAL B 308 -38.16 -28.76 12.92
N LEU B 309 -37.50 -29.50 13.82
CA LEU B 309 -36.57 -30.56 13.43
C LEU B 309 -37.23 -31.61 12.52
N TYR B 310 -36.45 -32.21 11.64
CA TYR B 310 -37.02 -33.24 10.77
C TYR B 310 -37.00 -34.53 11.55
N THR B 311 -36.08 -34.60 12.51
CA THR B 311 -35.95 -35.80 13.32
C THR B 311 -35.62 -35.37 14.75
N PRO B 312 -35.78 -36.30 15.73
CA PRO B 312 -35.52 -36.08 17.15
C PRO B 312 -34.18 -35.37 17.40
N GLU B 313 -34.19 -34.41 18.30
CA GLU B 313 -32.97 -33.69 18.58
C GLU B 313 -31.78 -34.57 18.98
N ILE B 314 -30.62 -34.27 18.42
CA ILE B 314 -29.39 -34.96 18.73
C ILE B 314 -28.69 -34.01 19.70
N ALA B 315 -28.41 -34.49 20.91
CA ALA B 315 -27.76 -33.63 21.91
C ALA B 315 -26.32 -33.32 21.58
N GLU B 316 -25.89 -32.11 21.84
CA GLU B 316 -24.52 -31.71 21.58
C GLU B 316 -23.57 -32.39 22.53
N ASN B 317 -22.61 -33.14 22.01
CA ASN B 317 -21.68 -33.81 22.88
C ASN B 317 -20.88 -32.74 23.63
N GLN B 318 -20.89 -32.79 24.96
CA GLN B 318 -20.21 -31.77 25.75
C GLN B 318 -18.69 -31.79 25.70
N GLN B 319 -18.06 -32.95 25.56
CA GLN B 319 -16.61 -32.98 25.46
C GLN B 319 -16.24 -32.13 24.24
N MET B 320 -17.12 -32.14 23.23
CA MET B 320 -16.91 -31.38 22.01
C MET B 320 -17.21 -29.90 22.22
N ILE B 321 -18.27 -29.57 22.94
CA ILE B 321 -18.58 -28.16 23.15
C ILE B 321 -17.44 -27.52 23.92
N SER B 322 -16.81 -28.30 24.80
CA SER B 322 -15.69 -27.77 25.58
C SER B 322 -14.53 -27.53 24.60
N LEU B 323 -14.24 -28.56 23.80
CA LEU B 323 -13.15 -28.47 22.85
C LEU B 323 -13.32 -27.35 21.81
N LEU B 324 -14.56 -26.97 21.50
CA LEU B 324 -14.77 -25.94 20.48
C LEU B 324 -15.09 -24.54 20.97
N SER B 325 -15.53 -24.43 22.22
CA SER B 325 -15.90 -23.14 22.79
C SER B 325 -14.81 -22.03 22.76
N PRO B 326 -13.56 -22.37 23.05
CA PRO B 326 -12.56 -21.30 23.00
C PRO B 326 -12.45 -20.73 21.57
N PHE B 327 -12.18 -21.60 20.60
CA PHE B 327 -12.07 -21.18 19.20
C PHE B 327 -13.30 -20.38 18.75
N GLN B 328 -14.49 -20.81 19.16
CA GLN B 328 -15.71 -20.09 18.80
C GLN B 328 -15.80 -18.70 19.43
N ASN B 329 -15.34 -18.58 20.68
CA ASN B 329 -15.38 -17.32 21.44
C ASN B 329 -14.17 -16.37 21.32
N LYS B 330 -13.18 -16.74 20.52
CA LYS B 330 -11.99 -15.91 20.36
C LYS B 330 -12.26 -14.62 19.58
N GLY B 331 -11.97 -13.48 20.23
CA GLY B 331 -12.21 -12.20 19.58
C GLY B 331 -13.67 -12.08 19.15
N LYS B 332 -14.54 -12.76 19.89
CA LYS B 332 -15.97 -12.76 19.58
C LYS B 332 -16.60 -11.37 19.71
N ALA B 333 -16.47 -10.77 20.88
CA ALA B 333 -17.02 -9.44 21.14
C ALA B 333 -16.18 -8.40 20.41
N GLN B 334 -15.86 -8.69 19.16
CA GLN B 334 -15.06 -7.81 18.31
C GLN B 334 -15.53 -8.11 16.90
N LEU B 335 -15.55 -9.40 16.57
CA LEU B 335 -15.99 -9.86 15.26
C LEU B 335 -17.45 -9.48 15.05
N GLU B 336 -18.20 -9.40 16.13
CA GLU B 336 -19.61 -9.05 16.06
C GLU B 336 -19.85 -7.55 16.25
N VAL B 337 -18.80 -6.84 16.66
CA VAL B 337 -18.89 -5.41 16.87
C VAL B 337 -19.47 -4.72 15.64
N LYS B 338 -20.39 -3.80 15.92
CA LYS B 338 -21.06 -3.00 14.90
C LYS B 338 -20.03 -2.09 14.21
N ILE B 339 -19.93 -2.19 12.89
CA ILE B 339 -19.00 -1.35 12.13
C ILE B 339 -19.73 -0.50 11.10
N GLY B 340 -21.06 -0.62 11.10
CA GLY B 340 -21.85 0.14 10.15
C GLY B 340 -23.21 -0.48 9.92
N GLU B 341 -23.94 0.12 8.99
CA GLU B 341 -25.28 -0.35 8.65
C GLU B 341 -25.65 0.08 7.24
N THR B 342 -26.46 -0.74 6.58
CA THR B 342 -26.89 -0.45 5.23
C THR B 342 -28.41 -0.36 5.20
N ASN B 343 -28.95 0.51 4.35
CA ASN B 343 -30.39 0.69 4.26
C ASN B 343 -31.03 -0.50 3.53
N GLY B 344 -30.23 -1.16 2.69
CA GLY B 344 -30.74 -2.30 1.95
C GLY B 344 -29.80 -3.49 2.00
N ARG B 345 -30.25 -4.62 1.46
CA ARG B 345 -29.47 -5.84 1.44
C ARG B 345 -28.43 -5.88 0.30
N LEU B 346 -27.16 -6.11 0.66
CA LEU B 346 -26.06 -6.20 -0.31
C LEU B 346 -26.05 -7.60 -0.91
N GLU B 347 -26.46 -7.68 -2.18
CA GLU B 347 -26.55 -8.94 -2.92
C GLU B 347 -25.27 -9.73 -3.13
N GLY B 348 -25.09 -10.80 -2.38
CA GLY B 348 -23.91 -11.62 -2.52
C GLY B 348 -24.17 -13.09 -2.78
N ASP B 349 -25.39 -13.45 -3.20
CA ASP B 349 -25.71 -14.85 -3.48
C ASP B 349 -24.95 -15.36 -4.70
N ARG B 350 -24.46 -16.60 -4.61
CA ARG B 350 -23.72 -17.21 -5.72
C ARG B 350 -24.51 -17.15 -7.03
N ASP B 351 -25.82 -17.32 -6.93
CA ASP B 351 -26.71 -17.27 -8.08
C ASP B 351 -26.73 -15.89 -8.75
N LYS B 352 -26.29 -14.87 -8.02
CA LYS B 352 -26.24 -13.53 -8.58
C LYS B 352 -24.83 -13.17 -9.03
N VAL B 353 -23.97 -12.86 -8.06
CA VAL B 353 -22.59 -12.46 -8.32
C VAL B 353 -21.82 -13.35 -9.31
N ARG B 354 -22.40 -14.49 -9.64
CA ARG B 354 -21.75 -15.43 -10.55
C ARG B 354 -22.40 -15.32 -11.93
N PHE B 355 -23.45 -14.51 -12.03
CA PHE B 355 -24.18 -14.35 -13.29
C PHE B 355 -24.47 -12.92 -13.72
N VAL B 356 -24.60 -12.01 -12.75
CA VAL B 356 -24.89 -10.61 -13.07
C VAL B 356 -24.22 -9.64 -12.09
N GLN B 357 -24.17 -8.36 -12.48
CA GLN B 357 -23.58 -7.33 -11.64
C GLN B 357 -24.48 -7.17 -10.43
N THR B 358 -23.88 -6.83 -9.29
CA THR B 358 -24.63 -6.67 -8.05
C THR B 358 -24.07 -5.55 -7.15
N ASN B 359 -24.91 -5.04 -6.26
CA ASN B 359 -24.48 -3.98 -5.36
C ASN B 359 -23.34 -4.41 -4.43
N MET B 360 -23.16 -5.71 -4.23
CA MET B 360 -22.06 -6.18 -3.38
C MET B 360 -20.75 -6.02 -4.15
N GLY B 361 -20.78 -6.34 -5.44
CA GLY B 361 -19.61 -6.21 -6.27
C GLY B 361 -19.19 -4.75 -6.30
N ARG B 362 -20.19 -3.86 -6.29
CA ARG B 362 -19.89 -2.44 -6.31
C ARG B 362 -19.35 -1.94 -4.98
N LEU B 363 -19.97 -2.38 -3.88
CA LEU B 363 -19.50 -1.95 -2.56
C LEU B 363 -18.05 -2.40 -2.35
N ILE B 364 -17.76 -3.64 -2.73
CA ILE B 364 -16.42 -4.18 -2.58
C ILE B 364 -15.45 -3.36 -3.43
N LEU B 365 -15.71 -3.27 -4.72
CA LEU B 365 -14.88 -2.51 -5.64
C LEU B 365 -14.77 -1.03 -5.26
N ALA B 366 -15.70 -0.53 -4.46
CA ALA B 366 -15.63 0.86 -4.02
C ALA B 366 -14.58 0.97 -2.92
N ALA B 367 -14.64 0.02 -1.99
CA ALA B 367 -13.69 -0.02 -0.88
C ALA B 367 -12.26 -0.11 -1.45
N GLN B 368 -12.07 -0.98 -2.42
CA GLN B 368 -10.77 -1.15 -3.06
C GLN B 368 -10.35 0.13 -3.78
N MET B 369 -11.19 0.55 -4.71
CA MET B 369 -11.02 1.77 -5.49
C MET B 369 -10.57 2.91 -4.57
N ASP B 370 -11.33 3.11 -3.50
CA ASP B 370 -11.05 4.16 -2.53
C ASP B 370 -9.65 4.02 -1.94
N ARG B 371 -9.34 2.81 -1.49
CA ARG B 371 -8.04 2.55 -0.87
C ARG B 371 -6.85 2.82 -1.82
N THR B 372 -6.98 2.40 -3.07
CA THR B 372 -5.90 2.56 -4.04
C THR B 372 -5.97 3.87 -4.84
N GLY B 373 -7.02 4.64 -4.62
CA GLY B 373 -7.19 5.87 -5.38
C GLY B 373 -7.40 5.51 -6.85
N ALA B 374 -7.82 4.27 -7.08
CA ALA B 374 -8.08 3.73 -8.43
C ALA B 374 -9.16 4.50 -9.20
N ASP B 375 -9.28 4.22 -10.50
CA ASP B 375 -10.29 4.89 -11.34
C ASP B 375 -11.43 3.94 -11.69
N PHE B 376 -11.11 2.65 -11.76
CA PHE B 376 -12.09 1.62 -12.06
C PHE B 376 -11.55 0.32 -11.48
N ALA B 377 -12.39 -0.68 -11.34
CA ALA B 377 -11.93 -1.93 -10.78
C ALA B 377 -12.76 -3.10 -11.26
N VAL B 378 -12.37 -4.29 -10.80
CA VAL B 378 -13.07 -5.51 -11.18
C VAL B 378 -12.58 -6.63 -10.27
N MET B 379 -13.46 -7.60 -10.03
CA MET B 379 -13.13 -8.75 -9.20
C MET B 379 -13.95 -9.92 -9.70
N SER B 380 -13.54 -11.13 -9.31
CA SER B 380 -14.24 -12.35 -9.70
C SER B 380 -15.56 -12.49 -8.96
N GLY B 381 -16.56 -13.03 -9.65
CA GLY B 381 -17.87 -13.23 -9.05
C GLY B 381 -17.72 -14.18 -7.87
N GLY B 382 -16.97 -15.27 -8.10
CA GLY B 382 -16.74 -16.26 -7.07
C GLY B 382 -15.92 -15.77 -5.90
N GLY B 383 -15.55 -14.50 -5.95
CA GLY B 383 -14.78 -13.92 -4.88
C GLY B 383 -15.77 -13.48 -3.82
N ILE B 384 -17.02 -13.33 -4.21
CA ILE B 384 -18.05 -12.91 -3.27
C ILE B 384 -18.74 -14.15 -2.70
N ARG B 385 -18.59 -14.36 -1.40
CA ARG B 385 -19.14 -15.55 -0.76
C ARG B 385 -20.44 -15.41 0.02
N ASP B 386 -20.98 -14.21 0.08
CA ASP B 386 -22.22 -14.03 0.83
C ASP B 386 -22.79 -12.64 0.63
N SER B 387 -23.96 -12.44 1.21
CA SER B 387 -24.66 -11.16 1.15
C SER B 387 -24.67 -10.56 2.55
N ILE B 388 -25.17 -9.34 2.65
CA ILE B 388 -25.30 -8.70 3.95
C ILE B 388 -26.72 -8.13 3.98
N GLU B 389 -27.52 -8.63 4.90
CA GLU B 389 -28.91 -8.18 4.99
C GLU B 389 -28.93 -6.73 5.43
N ALA B 390 -30.05 -6.07 5.15
CA ALA B 390 -30.23 -4.69 5.53
C ALA B 390 -30.05 -4.57 7.04
N GLY B 391 -29.50 -3.45 7.48
CA GLY B 391 -29.32 -3.25 8.90
C GLY B 391 -27.88 -3.17 9.34
N ASP B 392 -27.66 -3.56 10.60
CA ASP B 392 -26.32 -3.54 11.17
C ASP B 392 -25.36 -4.48 10.45
N ILE B 393 -24.17 -3.96 10.17
CA ILE B 393 -23.11 -4.72 9.50
C ILE B 393 -21.94 -4.89 10.48
N SER B 394 -21.56 -6.14 10.77
CA SER B 394 -20.45 -6.40 11.69
C SER B 394 -19.24 -6.87 10.89
N TYR B 395 -18.11 -7.07 11.56
CA TYR B 395 -16.92 -7.53 10.87
C TYR B 395 -17.08 -9.02 10.49
N LYS B 396 -17.83 -9.76 11.30
CA LYS B 396 -18.06 -11.18 11.01
C LYS B 396 -18.72 -11.23 9.62
N ASN B 397 -19.69 -10.36 9.39
CA ASN B 397 -20.39 -10.31 8.11
C ASN B 397 -19.42 -10.11 6.95
N VAL B 398 -18.51 -9.16 7.12
CA VAL B 398 -17.51 -8.86 6.10
C VAL B 398 -16.65 -10.10 5.83
N LEU B 399 -16.24 -10.79 6.88
CA LEU B 399 -15.40 -11.99 6.73
C LEU B 399 -16.14 -13.11 6.00
N LYS B 400 -17.46 -13.09 6.08
CA LYS B 400 -18.26 -14.11 5.42
C LYS B 400 -18.27 -13.82 3.90
N VAL B 401 -18.38 -12.54 3.56
CA VAL B 401 -18.43 -12.12 2.16
C VAL B 401 -17.13 -12.34 1.38
N GLN B 402 -15.99 -12.25 2.07
CA GLN B 402 -14.68 -12.43 1.45
C GLN B 402 -13.79 -13.09 2.49
N PRO B 403 -13.64 -14.42 2.41
CA PRO B 403 -12.81 -15.12 3.39
C PRO B 403 -11.45 -15.59 2.89
N PHE B 404 -11.20 -15.48 1.60
CA PHE B 404 -9.94 -15.94 1.01
C PHE B 404 -8.69 -15.20 1.49
N GLY B 405 -8.89 -14.06 2.14
CA GLY B 405 -7.74 -13.31 2.64
C GLY B 405 -6.84 -12.76 1.55
N ASN B 406 -7.42 -12.45 0.38
CA ASN B 406 -6.64 -11.87 -0.71
C ASN B 406 -6.17 -10.48 -0.26
N VAL B 407 -5.16 -9.93 -0.95
CA VAL B 407 -4.65 -8.60 -0.63
C VAL B 407 -5.00 -7.66 -1.79
N VAL B 408 -5.34 -6.42 -1.45
CA VAL B 408 -5.73 -5.46 -2.48
C VAL B 408 -4.52 -4.97 -3.25
N VAL B 409 -4.65 -4.90 -4.58
CA VAL B 409 -3.58 -4.44 -5.43
C VAL B 409 -4.16 -3.45 -6.44
N TYR B 410 -3.29 -2.66 -7.07
CA TYR B 410 -3.71 -1.72 -8.11
C TYR B 410 -2.67 -1.69 -9.22
N ALA B 411 -3.10 -1.33 -10.42
CA ALA B 411 -2.19 -1.26 -11.55
C ALA B 411 -2.40 -0.05 -12.47
N ASP B 412 -1.40 0.84 -12.52
CA ASP B 412 -1.50 1.99 -13.40
C ASP B 412 -1.23 1.46 -14.80
N MET B 413 -2.15 1.70 -15.71
CA MET B 413 -2.00 1.23 -17.08
C MET B 413 -2.43 2.29 -18.11
N THR B 414 -1.98 2.10 -19.35
CA THR B 414 -2.30 2.99 -20.45
C THR B 414 -3.72 2.72 -20.96
N GLY B 415 -4.35 3.76 -21.50
CA GLY B 415 -5.69 3.60 -22.05
C GLY B 415 -5.75 2.45 -23.03
N LYS B 416 -4.59 2.12 -23.60
CA LYS B 416 -4.47 1.01 -24.53
C LYS B 416 -4.74 -0.25 -23.72
N GLU B 417 -3.94 -0.41 -22.68
CA GLU B 417 -4.02 -1.55 -21.77
C GLU B 417 -5.41 -1.71 -21.16
N VAL B 418 -5.99 -0.60 -20.70
CA VAL B 418 -7.32 -0.60 -20.10
C VAL B 418 -8.31 -1.27 -21.06
N ILE B 419 -8.16 -0.97 -22.35
CA ILE B 419 -9.02 -1.52 -23.39
C ILE B 419 -8.78 -3.02 -23.59
N ASP B 420 -7.54 -3.40 -23.84
CA ASP B 420 -7.22 -4.80 -24.05
C ASP B 420 -7.63 -5.65 -22.84
N TYR B 421 -7.30 -5.18 -21.63
CA TYR B 421 -7.63 -5.91 -20.40
C TYR B 421 -9.12 -6.10 -20.18
N LEU B 422 -9.86 -5.00 -20.05
CA LEU B 422 -11.30 -5.09 -19.84
C LEU B 422 -11.93 -5.93 -20.94
N THR B 423 -11.39 -5.81 -22.15
CA THR B 423 -11.91 -6.58 -23.28
C THR B 423 -11.75 -8.06 -23.02
N ALA B 424 -10.60 -8.46 -22.49
CA ALA B 424 -10.34 -9.87 -22.22
C ALA B 424 -11.12 -10.39 -21.01
N VAL B 425 -11.33 -9.54 -20.02
CA VAL B 425 -12.05 -9.96 -18.83
C VAL B 425 -13.55 -10.01 -19.10
N ALA B 426 -14.03 -9.25 -20.09
CA ALA B 426 -15.45 -9.24 -20.46
C ALA B 426 -15.81 -10.45 -21.34
N GLN B 427 -14.77 -11.19 -21.73
CA GLN B 427 -14.89 -12.38 -22.57
C GLN B 427 -15.22 -13.67 -21.80
N MET B 428 -15.10 -13.66 -20.48
CA MET B 428 -15.42 -14.85 -19.70
C MET B 428 -16.89 -14.84 -19.29
N LYS B 429 -17.56 -15.94 -19.64
CA LYS B 429 -18.99 -16.13 -19.41
C LYS B 429 -19.57 -16.17 -17.99
N PRO B 430 -20.90 -15.95 -17.88
CA PRO B 430 -21.63 -15.96 -16.61
C PRO B 430 -21.66 -17.40 -16.11
N ASP B 431 -22.16 -17.62 -14.91
CA ASP B 431 -22.26 -18.96 -14.34
C ASP B 431 -21.00 -19.51 -13.65
N SER B 432 -19.81 -19.16 -14.13
CA SER B 432 -18.58 -19.65 -13.49
C SER B 432 -18.02 -18.62 -12.51
N GLY B 433 -17.12 -19.07 -11.64
CA GLY B 433 -16.51 -18.18 -10.68
C GLY B 433 -15.72 -17.07 -11.36
N ALA B 434 -15.37 -17.27 -12.63
CA ALA B 434 -14.59 -16.30 -13.40
C ALA B 434 -15.37 -15.05 -13.82
N TYR B 435 -16.69 -15.12 -13.81
CA TYR B 435 -17.53 -13.97 -14.18
C TYR B 435 -17.11 -12.70 -13.45
N PRO B 436 -16.84 -11.63 -14.21
CA PRO B 436 -16.42 -10.30 -13.74
C PRO B 436 -17.48 -9.36 -13.14
N GLN B 437 -17.16 -8.77 -12.00
CA GLN B 437 -18.01 -7.79 -11.32
C GLN B 437 -17.29 -6.44 -11.54
N PHE B 438 -17.85 -5.55 -12.36
CA PHE B 438 -17.19 -4.27 -12.64
C PHE B 438 -17.63 -3.07 -11.81
N ALA B 439 -16.76 -2.06 -11.77
CA ALA B 439 -17.00 -0.80 -11.06
C ALA B 439 -16.45 0.38 -11.89
N ASN B 440 -17.28 1.39 -12.09
CA ASN B 440 -16.92 2.58 -12.89
C ASN B 440 -16.60 2.21 -14.35
N VAL B 441 -17.13 1.08 -14.78
CA VAL B 441 -16.93 0.60 -16.14
C VAL B 441 -18.29 0.44 -16.82
N SER B 442 -18.42 0.96 -18.03
CA SER B 442 -19.67 0.85 -18.76
C SER B 442 -19.37 0.55 -20.21
N PHE B 443 -19.95 -0.54 -20.71
CA PHE B 443 -19.73 -0.95 -22.09
C PHE B 443 -20.83 -1.87 -22.56
N VAL B 444 -20.86 -2.11 -23.87
CA VAL B 444 -21.83 -3.00 -24.49
C VAL B 444 -21.02 -4.03 -25.27
N ALA B 445 -20.62 -5.11 -24.60
CA ALA B 445 -19.83 -6.15 -25.23
C ALA B 445 -20.55 -6.89 -26.37
N LYS B 446 -19.91 -6.91 -27.54
CA LYS B 446 -20.42 -7.58 -28.73
C LYS B 446 -19.25 -8.24 -29.46
N ASP B 447 -19.47 -9.44 -29.98
CA ASP B 447 -18.46 -10.21 -30.71
C ASP B 447 -17.00 -9.89 -30.41
N GLY B 448 -16.60 -10.08 -29.15
CA GLY B 448 -15.22 -9.83 -28.76
C GLY B 448 -14.75 -8.39 -28.69
N LYS B 449 -15.67 -7.43 -28.77
CA LYS B 449 -15.29 -6.03 -28.72
C LYS B 449 -16.17 -5.20 -27.79
N LEU B 450 -15.54 -4.29 -27.06
CA LEU B 450 -16.23 -3.41 -26.13
C LEU B 450 -16.62 -2.07 -26.76
N ASN B 451 -17.91 -1.91 -27.08
CA ASN B 451 -18.41 -0.66 -27.68
C ASN B 451 -18.75 0.33 -26.56
N ASP B 452 -18.73 1.62 -26.88
CA ASP B 452 -19.04 2.66 -25.90
C ASP B 452 -18.31 2.46 -24.58
N LEU B 453 -17.12 1.89 -24.63
CA LEU B 453 -16.37 1.68 -23.41
C LEU B 453 -16.08 3.05 -22.80
N LYS B 454 -16.38 3.21 -21.51
CA LYS B 454 -16.12 4.49 -20.85
C LYS B 454 -15.94 4.43 -19.35
N ILE B 455 -14.68 4.58 -18.93
CA ILE B 455 -14.30 4.59 -17.53
C ILE B 455 -14.75 5.89 -16.89
N LYS B 456 -15.64 5.79 -15.90
CA LYS B 456 -16.18 6.95 -15.20
C LYS B 456 -17.01 7.86 -16.10
N GLY B 457 -17.72 7.25 -17.05
CA GLY B 457 -18.56 8.01 -17.97
C GLY B 457 -17.82 8.54 -19.16
N GLU B 458 -16.51 8.73 -19.03
CA GLU B 458 -15.69 9.24 -20.12
C GLU B 458 -14.98 8.14 -20.89
N PRO B 459 -14.96 8.24 -22.23
CA PRO B 459 -14.31 7.24 -23.08
C PRO B 459 -12.82 7.06 -22.77
N VAL B 460 -12.37 5.81 -22.81
CA VAL B 460 -10.98 5.48 -22.54
C VAL B 460 -10.03 6.08 -23.58
N ASP B 461 -9.14 6.94 -23.09
CA ASP B 461 -8.16 7.65 -23.91
C ASP B 461 -6.85 6.85 -24.03
N PRO B 462 -6.50 6.39 -25.25
CA PRO B 462 -5.26 5.63 -25.43
C PRO B 462 -4.04 6.34 -24.85
N ALA B 463 -4.16 7.65 -24.66
CA ALA B 463 -3.08 8.47 -24.14
C ALA B 463 -3.04 8.61 -22.62
N LYS B 464 -4.21 8.70 -21.99
CA LYS B 464 -4.28 8.87 -20.54
C LYS B 464 -3.88 7.62 -19.75
N THR B 465 -3.58 7.82 -18.46
CA THR B 465 -3.21 6.74 -17.57
C THR B 465 -4.36 6.48 -16.62
N TYR B 466 -4.68 5.20 -16.42
CA TYR B 466 -5.76 4.82 -15.53
C TYR B 466 -5.27 3.84 -14.49
N ARG B 467 -5.77 3.97 -13.28
CA ARG B 467 -5.39 3.04 -12.22
C ARG B 467 -6.57 2.15 -11.96
N MET B 468 -6.29 0.85 -11.88
CA MET B 468 -7.34 -0.12 -11.61
C MET B 468 -7.09 -0.81 -10.28
N ALA B 469 -8.20 -1.19 -9.64
CA ALA B 469 -8.17 -1.88 -8.36
C ALA B 469 -8.66 -3.32 -8.61
N THR B 470 -8.06 -4.27 -7.90
CA THR B 470 -8.43 -5.68 -7.96
C THR B 470 -7.69 -6.44 -6.86
N LEU B 471 -7.79 -7.76 -6.87
CA LEU B 471 -7.13 -8.56 -5.85
C LEU B 471 -5.91 -9.25 -6.40
N ASN B 472 -4.95 -9.53 -5.53
CA ASN B 472 -3.75 -10.24 -5.96
C ASN B 472 -4.18 -11.52 -6.69
N PHE B 473 -5.34 -12.05 -6.31
CA PHE B 473 -5.88 -13.25 -6.95
C PHE B 473 -6.02 -13.05 -8.47
N ASN B 474 -6.78 -12.05 -8.90
CA ASN B 474 -6.94 -11.83 -10.33
C ASN B 474 -5.71 -11.27 -11.01
N ALA B 475 -5.02 -10.34 -10.34
CA ALA B 475 -3.83 -9.72 -10.90
C ALA B 475 -2.76 -10.76 -11.25
N THR B 476 -2.81 -11.92 -10.59
CA THR B 476 -1.83 -12.97 -10.83
C THR B 476 -2.33 -14.06 -11.79
N GLY B 477 -3.52 -13.88 -12.33
CA GLY B 477 -4.06 -14.86 -13.25
C GLY B 477 -5.14 -15.73 -12.65
N GLY B 478 -5.64 -15.35 -11.48
CA GLY B 478 -6.70 -16.12 -10.85
C GLY B 478 -7.94 -16.11 -11.73
N ASP B 479 -8.54 -17.29 -11.91
CA ASP B 479 -9.73 -17.46 -12.76
C ASP B 479 -9.39 -17.10 -14.20
N GLY B 480 -8.11 -17.27 -14.54
CA GLY B 480 -7.67 -16.99 -15.90
C GLY B 480 -7.56 -15.51 -16.27
N TYR B 481 -7.60 -14.63 -15.27
CA TYR B 481 -7.50 -13.19 -15.51
C TYR B 481 -6.14 -12.74 -16.05
N PRO B 482 -6.13 -11.78 -17.01
CA PRO B 482 -4.87 -11.31 -17.59
C PRO B 482 -3.88 -10.95 -16.48
N ARG B 483 -2.66 -11.45 -16.59
CA ARG B 483 -1.67 -11.15 -15.56
C ARG B 483 -1.30 -9.67 -15.63
N LEU B 484 -1.18 -9.06 -14.47
CA LEU B 484 -0.84 -7.63 -14.32
C LEU B 484 0.26 -7.50 -13.28
N ASP B 485 0.42 -8.54 -12.48
CA ASP B 485 1.41 -8.57 -11.42
C ASP B 485 2.84 -8.44 -11.95
N ASN B 486 3.02 -8.77 -13.23
CA ASN B 486 4.34 -8.71 -13.86
C ASN B 486 4.33 -7.66 -14.96
N LYS B 487 3.36 -6.75 -14.88
CA LYS B 487 3.25 -5.66 -15.84
C LYS B 487 3.72 -4.44 -15.09
N PRO B 488 4.51 -3.55 -15.75
CA PRO B 488 4.95 -2.36 -15.02
C PRO B 488 3.74 -1.58 -14.50
N GLY B 489 3.92 -0.84 -13.42
CA GLY B 489 2.82 -0.07 -12.85
C GLY B 489 2.01 -0.79 -11.80
N TYR B 490 2.30 -2.08 -11.61
CA TYR B 490 1.60 -2.92 -10.63
C TYR B 490 2.12 -2.75 -9.23
N VAL B 491 1.20 -2.53 -8.30
CA VAL B 491 1.55 -2.38 -6.89
C VAL B 491 0.63 -3.25 -6.05
N ASN B 492 1.20 -4.25 -5.39
CA ASN B 492 0.42 -5.12 -4.52
C ASN B 492 0.51 -4.39 -3.18
N THR B 493 -0.59 -3.79 -2.75
CA THR B 493 -0.61 -3.03 -1.50
C THR B 493 -0.44 -3.82 -0.21
N GLY B 494 -0.59 -5.15 -0.30
CA GLY B 494 -0.46 -6.00 0.86
C GLY B 494 -1.67 -5.95 1.80
N PHE B 495 -2.60 -5.03 1.54
CA PHE B 495 -3.78 -4.86 2.39
C PHE B 495 -4.81 -5.97 2.20
N ILE B 496 -5.26 -6.56 3.31
CA ILE B 496 -6.26 -7.64 3.28
C ILE B 496 -7.62 -7.14 2.79
N ASP B 497 -8.23 -7.89 1.87
CA ASP B 497 -9.53 -7.55 1.32
C ASP B 497 -10.55 -7.26 2.42
N ALA B 498 -10.58 -8.12 3.43
CA ALA B 498 -11.53 -7.96 4.54
C ALA B 498 -11.32 -6.62 5.22
N GLU B 499 -10.07 -6.31 5.51
CA GLU B 499 -9.68 -5.08 6.17
C GLU B 499 -10.13 -3.85 5.39
N VAL B 500 -9.82 -3.85 4.10
CA VAL B 500 -10.19 -2.75 3.21
C VAL B 500 -11.71 -2.53 3.21
N LEU B 501 -12.47 -3.61 3.11
CA LEU B 501 -13.92 -3.54 3.09
C LEU B 501 -14.46 -2.96 4.41
N LYS B 502 -13.97 -3.45 5.53
CA LYS B 502 -14.47 -2.95 6.81
C LYS B 502 -14.11 -1.50 7.12
N ALA B 503 -12.85 -1.11 6.94
CA ALA B 503 -12.47 0.29 7.19
C ALA B 503 -13.35 1.17 6.30
N TYR B 504 -13.55 0.74 5.06
CA TYR B 504 -14.37 1.48 4.12
C TYR B 504 -15.76 1.61 4.69
N ILE B 505 -16.38 0.48 5.02
CA ILE B 505 -17.73 0.47 5.58
C ILE B 505 -17.83 1.39 6.80
N GLN B 506 -16.82 1.36 7.68
CA GLN B 506 -16.85 2.20 8.86
C GLN B 506 -16.97 3.69 8.55
N LYS B 507 -16.28 4.17 7.52
CA LYS B 507 -16.35 5.59 7.18
C LYS B 507 -17.55 5.93 6.29
N SER B 508 -18.02 4.96 5.53
CA SER B 508 -19.15 5.19 4.63
C SER B 508 -20.49 4.99 5.32
N SER B 509 -20.47 4.41 6.51
CA SER B 509 -21.72 4.16 7.23
C SER B 509 -22.44 5.47 7.48
N PRO B 510 -23.78 5.46 7.30
CA PRO B 510 -24.54 4.27 6.89
C PRO B 510 -24.54 4.11 5.38
N LEU B 511 -24.43 2.88 4.90
CA LEU B 511 -24.43 2.62 3.48
C LEU B 511 -25.79 2.91 2.89
N ASP B 512 -25.78 3.26 1.60
CA ASP B 512 -27.00 3.59 0.88
C ASP B 512 -27.02 2.79 -0.42
N VAL B 513 -27.61 1.61 -0.38
CA VAL B 513 -27.68 0.72 -1.55
C VAL B 513 -27.94 1.40 -2.89
N SER B 514 -28.77 2.43 -2.90
CA SER B 514 -29.07 3.14 -4.16
C SER B 514 -27.81 3.71 -4.82
N VAL B 515 -26.77 3.93 -4.00
CA VAL B 515 -25.50 4.47 -4.50
C VAL B 515 -24.56 3.39 -5.05
N TYR B 516 -24.83 2.13 -4.72
CA TYR B 516 -24.00 1.02 -5.21
C TYR B 516 -24.86 0.17 -6.13
N GLU B 517 -25.92 0.79 -6.65
CA GLU B 517 -26.85 0.07 -7.50
C GLU B 517 -26.49 -0.03 -8.98
N PRO B 518 -26.31 -1.27 -9.48
CA PRO B 518 -25.96 -1.54 -10.88
C PRO B 518 -27.13 -1.13 -11.76
N LYS B 519 -27.02 0.01 -12.43
CA LYS B 519 -28.10 0.52 -13.26
C LYS B 519 -27.81 0.42 -14.76
N GLY B 520 -27.39 -0.76 -15.23
CA GLY B 520 -27.11 -0.87 -16.65
C GLY B 520 -25.64 -0.82 -17.04
N GLU B 521 -24.93 0.26 -16.73
CA GLU B 521 -23.50 0.40 -17.07
C GLU B 521 -22.95 -0.56 -18.14
N VAL B 522 -22.68 -1.79 -17.71
CA VAL B 522 -22.15 -2.82 -18.60
C VAL B 522 -23.28 -3.56 -19.30
N SER B 523 -22.95 -4.64 -20.01
CA SER B 523 -23.94 -5.44 -20.71
C SER B 523 -23.33 -6.35 -21.75
N TRP B 524 -24.18 -7.13 -22.41
CA TRP B 524 -23.76 -8.07 -23.43
C TRP B 524 -24.84 -8.28 -24.46
N GLN B 525 -24.43 -8.79 -25.62
CA GLN B 525 -25.32 -9.07 -26.74
C GLN B 525 -24.48 -9.34 -27.98
#